data_6LFN
#
_entry.id   6LFN
#
_cell.length_a   78.343
_cell.length_b   87.821
_cell.length_c   134.413
_cell.angle_alpha   90.000
_cell.angle_beta   90.000
_cell.angle_gamma   90.000
#
_symmetry.space_group_name_H-M   'P 2 21 21'
#
loop_
_entity.id
_entity.type
_entity.pdbx_description
1 polymer LpCGTb
2 non-polymer 'PHOSPHATE ION'
#
_entity_poly.entity_id   1
_entity_poly.type   'polypeptide(L)'
_entity_poly.pdbx_seq_one_letter_code
;GMSPPAPADVVSSAKPHVAVIPAAGMGHLNPTLRLAGELASRGCVVTFINPSPPVSLAEATSVAEFVASTPGVRLLDLPV
QPLDPSCFPAHEDPFLRQFEAVRRSAPLLTPLLSDVSPPLAAIVCDIAICSTFLTVAAEISLPAYVFFSLSAQMLSLNLA
FPTVADQVYGAGEGDEIRFPGLPESIPRSWLPPPLLDPAHLFAVHFVENGKAMPRAAGILVHSWEALEPEALAALRGGRV
LAGLPPVLPIGPLYQKEKSNAVFLPWLDAQRDRSVLFVCFGNRSTHSPEQLREMAAGLERSGCRFVWVLKTKVVDKDEDE
GAQKEILGEGYLERVKERGVVINGWVDQMTILSHRAVGGFFSHSGSSSVAEAAIGGQPLLLWPMGGDQRMSALVAERRGM
GVWPRGWGWSADDKLIPGEEIARRIKDFMGDNALRAVAAKMKKETASAMAPGGSKDQWFDDFIARINRV
;
_entity_poly.pdbx_strand_id   A,B
#
loop_
_chem_comp.id
_chem_comp.type
_chem_comp.name
_chem_comp.formula
PO4 non-polymer 'PHOSPHATE ION' 'O4 P -3'
#
# COMPACT_ATOMS: atom_id res chain seq x y z
N ALA A 14 12.08 -19.23 6.25
CA ALA A 14 10.86 -19.99 6.02
C ALA A 14 9.79 -19.19 5.25
N LYS A 15 8.54 -19.62 5.38
CA LYS A 15 7.41 -18.97 4.74
C LYS A 15 6.39 -18.66 5.81
N PRO A 16 5.61 -17.60 5.64
CA PRO A 16 4.73 -17.15 6.71
C PRO A 16 3.54 -18.08 6.95
N HIS A 17 3.01 -17.99 8.17
CA HIS A 17 1.73 -18.59 8.54
C HIS A 17 0.63 -17.54 8.37
N VAL A 18 -0.35 -17.84 7.50
CA VAL A 18 -1.41 -16.90 7.14
C VAL A 18 -2.77 -17.51 7.49
N ALA A 19 -3.64 -16.74 8.14
CA ALA A 19 -5.00 -17.17 8.43
C ALA A 19 -5.95 -16.46 7.48
N VAL A 20 -7.01 -17.17 7.08
CA VAL A 20 -7.91 -16.70 6.04
C VAL A 20 -9.33 -16.89 6.54
N ILE A 21 -10.17 -15.89 6.33
CA ILE A 21 -11.56 -15.93 6.76
C ILE A 21 -12.46 -15.63 5.56
N PRO A 22 -13.41 -16.52 5.22
CA PRO A 22 -14.34 -16.26 4.11
C PRO A 22 -15.70 -15.72 4.55
N ALA A 23 -16.45 -15.13 3.62
CA ALA A 23 -17.80 -14.67 3.86
C ALA A 23 -18.83 -15.70 3.36
N ALA A 24 -20.07 -15.50 3.79
CA ALA A 24 -21.12 -16.48 3.52
C ALA A 24 -21.48 -16.53 2.03
N GLY A 25 -21.93 -17.71 1.60
CA GLY A 25 -22.37 -17.90 0.24
C GLY A 25 -21.25 -18.39 -0.65
N MET A 26 -21.63 -19.17 -1.68
CA MET A 26 -20.62 -19.78 -2.54
C MET A 26 -19.81 -18.72 -3.26
N GLY A 27 -20.42 -17.58 -3.55
CA GLY A 27 -19.70 -16.55 -4.27
C GLY A 27 -18.59 -15.89 -3.46
N HIS A 28 -18.70 -15.91 -2.12
CA HIS A 28 -17.63 -15.33 -1.33
C HIS A 28 -16.68 -16.40 -0.80
N LEU A 29 -17.14 -17.65 -0.78
CA LEU A 29 -16.33 -18.73 -0.25
C LEU A 29 -15.29 -19.19 -1.27
N ASN A 30 -15.73 -19.51 -2.49
CA ASN A 30 -14.83 -20.03 -3.52
C ASN A 30 -13.59 -19.15 -3.76
N PRO A 31 -13.68 -17.80 -3.96
CA PRO A 31 -12.44 -17.01 -4.03
C PRO A 31 -11.48 -17.27 -2.89
N THR A 32 -12.01 -17.33 -1.66
CA THR A 32 -11.17 -17.48 -0.48
C THR A 32 -10.50 -18.83 -0.48
N LEU A 33 -11.24 -19.86 -0.87
CA LEU A 33 -10.65 -21.16 -1.14
C LEU A 33 -9.52 -21.09 -2.15
N ARG A 34 -9.73 -20.40 -3.29
CA ARG A 34 -8.66 -20.31 -4.28
CA ARG A 34 -8.65 -20.32 -4.28
C ARG A 34 -7.48 -19.50 -3.75
N LEU A 35 -7.74 -18.38 -3.07
CA LEU A 35 -6.67 -17.63 -2.43
C LEU A 35 -5.88 -18.50 -1.48
N ALA A 36 -6.59 -19.26 -0.63
CA ALA A 36 -5.91 -20.09 0.34
C ALA A 36 -5.09 -21.20 -0.33
N GLY A 37 -5.65 -21.85 -1.35
CA GLY A 37 -4.87 -22.81 -2.10
C GLY A 37 -3.62 -22.21 -2.70
N GLU A 38 -3.73 -20.98 -3.19
CA GLU A 38 -2.59 -20.34 -3.84
C GLU A 38 -1.48 -20.05 -2.82
N LEU A 39 -1.85 -19.72 -1.58
CA LEU A 39 -0.84 -19.45 -0.57
C LEU A 39 -0.17 -20.73 -0.10
N ALA A 40 -0.91 -21.84 -0.06
CA ALA A 40 -0.31 -23.13 0.26
C ALA A 40 0.56 -23.63 -0.91
N SER A 41 0.06 -23.50 -2.15
CA SER A 41 0.88 -23.76 -3.33
C SER A 41 2.29 -23.21 -3.18
N ARG A 42 2.43 -22.00 -2.67
CA ARG A 42 3.71 -21.32 -2.54
C ARG A 42 4.38 -21.59 -1.19
N GLY A 43 3.94 -22.60 -0.46
CA GLY A 43 4.63 -22.97 0.76
C GLY A 43 4.28 -22.18 2.00
N CYS A 44 3.28 -21.30 1.94
CA CYS A 44 2.71 -20.82 3.18
C CYS A 44 1.88 -21.90 3.84
N VAL A 45 2.06 -22.06 5.14
CA VAL A 45 1.14 -22.82 5.96
C VAL A 45 -0.01 -21.86 6.29
N VAL A 46 -1.24 -22.28 5.99
CA VAL A 46 -2.41 -21.41 6.08
C VAL A 46 -3.47 -22.03 6.98
N THR A 47 -4.04 -21.21 7.85
CA THR A 47 -5.11 -21.62 8.75
C THR A 47 -6.40 -21.07 8.20
N PHE A 48 -7.33 -21.94 7.89
CA PHE A 48 -8.61 -21.51 7.34
C PHE A 48 -9.63 -21.39 8.47
N ILE A 49 -9.98 -20.15 8.82
CA ILE A 49 -10.94 -19.89 9.89
C ILE A 49 -12.35 -19.98 9.34
N ASN A 50 -13.14 -20.92 9.86
CA ASN A 50 -14.46 -21.22 9.33
C ASN A 50 -15.57 -20.85 10.31
N PRO A 51 -16.33 -19.78 10.05
CA PRO A 51 -17.51 -19.47 10.89
C PRO A 51 -18.54 -20.59 10.81
N SER A 52 -18.92 -21.11 11.97
CA SER A 52 -19.78 -22.28 12.07
C SER A 52 -21.07 -21.94 12.79
N PRO A 53 -22.23 -22.39 12.26
CA PRO A 53 -22.12 -23.13 11.00
C PRO A 53 -22.43 -22.31 9.72
N PRO A 54 -21.94 -22.77 8.57
CA PRO A 54 -22.30 -22.12 7.29
C PRO A 54 -23.80 -22.17 7.07
N VAL A 55 -24.29 -21.29 6.20
CA VAL A 55 -25.70 -21.31 5.86
C VAL A 55 -26.08 -22.59 5.15
N SER A 56 -25.26 -23.04 4.20
CA SER A 56 -25.65 -24.07 3.25
C SER A 56 -24.70 -25.26 3.31
N LEU A 57 -25.20 -26.41 2.84
CA LEU A 57 -24.40 -27.62 2.87
C LEU A 57 -23.28 -27.55 1.83
N ALA A 58 -23.53 -26.92 0.67
CA ALA A 58 -22.48 -26.69 -0.31
C ALA A 58 -21.23 -26.09 0.33
N GLU A 59 -21.40 -24.98 1.07
CA GLU A 59 -20.28 -24.34 1.74
C GLU A 59 -19.60 -25.28 2.72
N ALA A 60 -20.37 -25.97 3.55
CA ALA A 60 -19.79 -26.92 4.48
C ALA A 60 -19.00 -28.02 3.74
N THR A 61 -19.55 -28.54 2.63
CA THR A 61 -18.86 -29.57 1.86
C THR A 61 -17.61 -29.03 1.20
N SER A 62 -17.70 -27.82 0.62
CA SER A 62 -16.56 -27.25 -0.07
C SER A 62 -15.39 -27.05 0.88
N VAL A 63 -15.64 -26.48 2.06
CA VAL A 63 -14.57 -26.33 3.03
C VAL A 63 -13.91 -27.68 3.30
N ALA A 64 -14.70 -28.66 3.74
CA ALA A 64 -14.13 -29.94 4.16
C ALA A 64 -13.31 -30.60 3.05
N GLU A 65 -13.86 -30.67 1.83
CA GLU A 65 -13.09 -31.24 0.74
C GLU A 65 -11.78 -30.48 0.54
N PHE A 66 -11.83 -29.15 0.62
CA PHE A 66 -10.64 -28.35 0.40
C PHE A 66 -9.56 -28.66 1.43
N VAL A 67 -9.87 -28.51 2.72
CA VAL A 67 -8.84 -28.73 3.73
C VAL A 67 -8.32 -30.14 3.67
N ALA A 68 -9.22 -31.12 3.50
CA ALA A 68 -8.77 -32.48 3.28
C ALA A 68 -7.90 -32.56 2.03
N SER A 69 -8.25 -31.82 0.98
CA SER A 69 -7.53 -31.99 -0.28
C SER A 69 -6.16 -31.28 -0.25
N THR A 70 -5.99 -30.21 0.52
CA THR A 70 -4.81 -29.37 0.36
C THR A 70 -3.88 -29.43 1.56
N PRO A 71 -2.62 -29.81 1.35
CA PRO A 71 -1.75 -30.20 2.48
C PRO A 71 -1.45 -29.09 3.46
N GLY A 72 -1.16 -27.89 3.00
CA GLY A 72 -0.69 -26.87 3.93
C GLY A 72 -1.76 -26.38 4.90
N VAL A 73 -3.03 -26.69 4.62
CA VAL A 73 -4.08 -25.97 5.32
C VAL A 73 -4.47 -26.70 6.61
N ARG A 74 -4.86 -25.90 7.60
CA ARG A 74 -5.40 -26.35 8.87
C ARG A 74 -6.73 -25.66 9.08
N LEU A 75 -7.64 -26.34 9.73
CA LEU A 75 -9.00 -25.84 9.91
C LEU A 75 -9.18 -25.40 11.35
N LEU A 76 -9.65 -24.19 11.52
CA LEU A 76 -9.90 -23.63 12.85
C LEU A 76 -11.34 -23.17 12.85
N ASP A 77 -12.16 -23.88 13.60
CA ASP A 77 -13.61 -23.56 13.63
C ASP A 77 -13.88 -22.36 14.52
N LEU A 78 -14.54 -21.35 13.97
CA LEU A 78 -14.97 -20.17 14.76
C LEU A 78 -16.48 -20.33 14.92
N PRO A 79 -17.01 -20.57 16.13
CA PRO A 79 -18.42 -20.78 16.31
C PRO A 79 -19.18 -19.45 16.23
N VAL A 80 -20.17 -19.36 15.35
CA VAL A 80 -20.91 -18.07 15.26
C VAL A 80 -22.40 -18.32 15.48
N GLN A 81 -23.00 -17.57 16.41
CA GLN A 81 -24.44 -17.70 16.64
C GLN A 81 -25.12 -16.93 15.51
N PRO A 82 -26.10 -17.53 14.79
CA PRO A 82 -26.79 -16.84 13.71
C PRO A 82 -27.64 -15.67 14.21
N LEU A 83 -27.89 -14.74 13.30
CA LEU A 83 -28.66 -13.52 13.63
C LEU A 83 -30.05 -13.87 14.16
N ASP A 84 -30.45 -13.19 15.23
CA ASP A 84 -31.76 -13.37 15.81
C ASP A 84 -32.85 -12.97 14.80
N PRO A 85 -33.96 -13.72 14.74
CA PRO A 85 -35.05 -13.30 13.84
C PRO A 85 -35.66 -11.95 14.17
N SER A 86 -35.68 -11.54 15.44
CA SER A 86 -36.12 -10.19 15.80
C SER A 86 -35.15 -9.13 15.30
N CYS A 87 -34.01 -9.52 14.75
CA CYS A 87 -32.99 -8.58 14.32
C CYS A 87 -33.01 -8.44 12.80
N PHE A 88 -33.05 -7.19 12.33
CA PHE A 88 -33.16 -6.88 10.91
C PHE A 88 -34.26 -7.68 10.21
N PRO A 89 -35.50 -7.62 10.72
CA PRO A 89 -36.56 -8.46 10.13
C PRO A 89 -36.90 -8.07 8.71
N ALA A 90 -36.64 -6.83 8.31
CA ALA A 90 -36.97 -6.37 6.98
C ALA A 90 -36.28 -7.22 5.92
N HIS A 91 -35.09 -7.74 6.23
CA HIS A 91 -34.25 -8.46 5.27
C HIS A 91 -34.32 -9.96 5.53
N GLU A 92 -34.96 -10.69 4.63
CA GLU A 92 -35.02 -12.14 4.75
C GLU A 92 -33.84 -12.86 4.10
N ASP A 93 -32.94 -12.16 3.41
CA ASP A 93 -31.82 -12.80 2.71
C ASP A 93 -30.90 -13.51 3.69
N PRO A 94 -30.81 -14.84 3.64
CA PRO A 94 -30.00 -15.55 4.64
C PRO A 94 -28.51 -15.26 4.57
N PHE A 95 -27.95 -15.11 3.36
CA PHE A 95 -26.51 -14.86 3.25
C PHE A 95 -26.18 -13.45 3.73
N LEU A 96 -27.06 -12.48 3.46
CA LEU A 96 -26.88 -11.15 4.03
C LEU A 96 -26.94 -11.22 5.55
N ARG A 97 -27.85 -12.03 6.11
CA ARG A 97 -27.91 -12.16 7.56
C ARG A 97 -26.63 -12.75 8.12
N GLN A 98 -26.02 -13.71 7.42
CA GLN A 98 -24.81 -14.32 7.97
C GLN A 98 -23.62 -13.37 7.89
N PHE A 99 -23.58 -12.47 6.90
CA PHE A 99 -22.58 -11.43 6.95
C PHE A 99 -22.67 -10.72 8.29
N GLU A 100 -23.86 -10.25 8.63
CA GLU A 100 -24.07 -9.57 9.90
C GLU A 100 -23.67 -10.45 11.07
N ALA A 101 -23.98 -11.76 10.99
CA ALA A 101 -23.73 -12.63 12.13
C ALA A 101 -22.24 -12.78 12.43
N VAL A 102 -21.44 -13.15 11.42
CA VAL A 102 -20.03 -13.35 11.70
C VAL A 102 -19.36 -12.02 12.01
N ARG A 103 -19.83 -10.92 11.41
CA ARG A 103 -19.30 -9.61 11.81
C ARG A 103 -19.47 -9.40 13.30
N ARG A 104 -20.61 -9.83 13.89
CA ARG A 104 -20.81 -9.65 15.33
C ARG A 104 -19.99 -10.63 16.16
N SER A 105 -19.58 -11.76 15.56
CA SER A 105 -18.73 -12.77 16.21
C SER A 105 -17.24 -12.40 16.26
N ALA A 106 -16.82 -11.29 15.66
CA ALA A 106 -15.39 -11.01 15.60
C ALA A 106 -14.71 -10.99 16.97
N PRO A 107 -15.30 -10.46 18.06
CA PRO A 107 -14.58 -10.55 19.33
C PRO A 107 -14.23 -11.99 19.72
N LEU A 108 -14.90 -12.99 19.17
CA LEU A 108 -14.57 -14.36 19.55
C LEU A 108 -13.16 -14.74 19.12
N LEU A 109 -12.59 -14.06 18.11
CA LEU A 109 -11.47 -14.64 17.38
C LEU A 109 -10.18 -14.63 18.19
N THR A 110 -9.96 -13.58 18.98
CA THR A 110 -8.70 -13.46 19.71
C THR A 110 -8.48 -14.60 20.69
N PRO A 111 -9.47 -15.11 21.45
CA PRO A 111 -9.21 -16.36 22.19
C PRO A 111 -8.87 -17.53 21.28
N LEU A 112 -9.46 -17.60 20.08
CA LEU A 112 -9.16 -18.69 19.16
C LEU A 112 -7.71 -18.68 18.68
N LEU A 113 -7.09 -17.49 18.59
CA LEU A 113 -5.77 -17.36 18.01
C LEU A 113 -4.67 -17.34 19.06
N SER A 114 -5.05 -17.29 20.35
CA SER A 114 -4.05 -17.34 21.41
C SER A 114 -3.18 -18.57 21.31
N ASP A 115 -3.77 -19.73 20.97
CA ASP A 115 -3.02 -20.99 20.93
C ASP A 115 -2.04 -21.00 19.76
N VAL A 116 -2.48 -20.50 18.58
CA VAL A 116 -1.92 -20.97 17.31
C VAL A 116 -0.41 -20.84 17.26
N SER A 117 0.24 -21.91 16.82
CA SER A 117 1.65 -21.91 16.46
C SER A 117 1.83 -22.67 15.16
N PRO A 118 2.75 -22.22 14.29
CA PRO A 118 3.64 -21.08 14.49
C PRO A 118 2.85 -19.79 14.52
N PRO A 119 3.43 -18.70 15.03
CA PRO A 119 2.65 -17.47 15.17
C PRO A 119 2.16 -17.06 13.79
N LEU A 120 1.02 -16.38 13.76
CA LEU A 120 0.46 -15.97 12.49
C LEU A 120 1.24 -14.77 11.98
N ALA A 121 1.52 -14.73 10.68
CA ALA A 121 2.13 -13.53 10.12
C ALA A 121 1.05 -12.53 9.73
N ALA A 122 -0.11 -13.03 9.32
CA ALA A 122 -1.15 -12.12 8.85
C ALA A 122 -2.47 -12.88 8.87
N ILE A 123 -3.55 -12.11 8.76
CA ILE A 123 -4.87 -12.66 8.52
C ILE A 123 -5.48 -11.94 7.31
N VAL A 124 -6.29 -12.68 6.55
CA VAL A 124 -6.97 -12.19 5.35
C VAL A 124 -8.46 -12.41 5.53
N CYS A 125 -9.23 -11.33 5.46
CA CYS A 125 -10.65 -11.34 5.74
C CYS A 125 -11.43 -10.91 4.51
N ASP A 126 -12.38 -11.75 4.10
CA ASP A 126 -13.23 -11.32 3.01
C ASP A 126 -13.96 -10.03 3.35
N ILE A 127 -14.14 -9.17 2.32
CA ILE A 127 -14.65 -7.80 2.45
C ILE A 127 -16.02 -7.78 3.14
N ALA A 128 -16.85 -8.77 2.88
CA ALA A 128 -18.20 -8.75 3.41
C ALA A 128 -18.21 -8.79 4.94
N ILE A 129 -17.17 -9.39 5.54
CA ILE A 129 -17.13 -9.56 6.99
C ILE A 129 -15.99 -8.80 7.62
N CYS A 130 -15.33 -7.92 6.87
CA CYS A 130 -13.99 -7.52 7.26
C CYS A 130 -14.00 -6.56 8.46
N SER A 131 -14.95 -5.60 8.47
CA SER A 131 -14.83 -4.38 9.28
C SER A 131 -14.52 -4.67 10.75
N THR A 132 -15.24 -5.61 11.36
CA THR A 132 -15.03 -5.87 12.78
C THR A 132 -13.75 -6.66 13.00
N PHE A 133 -13.39 -7.54 12.05
CA PHE A 133 -12.22 -8.39 12.23
C PHE A 133 -10.93 -7.60 12.12
N LEU A 134 -10.92 -6.51 11.33
CA LEU A 134 -9.83 -5.55 11.37
C LEU A 134 -9.57 -5.07 12.80
N THR A 135 -10.64 -4.69 13.50
CA THR A 135 -10.46 -4.08 14.81
C THR A 135 -9.90 -5.07 15.82
N VAL A 136 -10.41 -6.31 15.79
CA VAL A 136 -9.86 -7.37 16.61
C VAL A 136 -8.39 -7.65 16.24
N ALA A 137 -8.09 -7.77 14.95
CA ALA A 137 -6.71 -8.04 14.57
C ALA A 137 -5.77 -6.96 15.06
N ALA A 138 -6.21 -5.69 15.05
CA ALA A 138 -5.31 -4.63 15.47
C ALA A 138 -5.01 -4.70 16.97
N GLU A 139 -5.98 -5.15 17.79
CA GLU A 139 -5.74 -5.22 19.23
C GLU A 139 -4.71 -6.26 19.59
N ILE A 140 -4.64 -7.36 18.82
CA ILE A 140 -3.65 -8.41 19.06
C ILE A 140 -2.41 -8.16 18.21
N SER A 141 -2.38 -7.00 17.53
CA SER A 141 -1.23 -6.60 16.72
C SER A 141 -0.87 -7.65 15.67
N LEU A 142 -1.85 -7.97 14.84
CA LEU A 142 -1.72 -8.92 13.78
C LEU A 142 -2.10 -8.25 12.46
N PRO A 143 -1.18 -8.09 11.52
CA PRO A 143 -1.53 -7.41 10.25
C PRO A 143 -2.75 -8.07 9.63
N ALA A 144 -3.70 -7.23 9.22
CA ALA A 144 -4.96 -7.67 8.66
C ALA A 144 -5.14 -7.14 7.24
N TYR A 145 -5.34 -8.05 6.29
CA TYR A 145 -5.54 -7.69 4.89
C TYR A 145 -6.99 -7.96 4.50
N VAL A 146 -7.62 -6.99 3.86
CA VAL A 146 -8.98 -7.20 3.35
C VAL A 146 -8.86 -7.89 2.00
N PHE A 147 -9.61 -8.95 1.82
CA PHE A 147 -9.72 -9.57 0.51
C PHE A 147 -10.98 -9.06 -0.14
N PHE A 148 -10.83 -8.25 -1.18
CA PHE A 148 -11.96 -7.77 -1.98
C PHE A 148 -12.12 -8.73 -3.15
N SER A 149 -12.91 -9.79 -2.95
CA SER A 149 -13.16 -10.83 -3.94
C SER A 149 -13.85 -10.31 -5.19
N LEU A 150 -14.34 -9.09 -5.19
CA LEU A 150 -14.93 -8.58 -6.42
C LEU A 150 -13.88 -7.83 -7.24
N SER A 151 -14.33 -7.13 -8.26
CA SER A 151 -13.45 -6.38 -9.15
C SER A 151 -12.85 -5.13 -8.52
N ALA A 152 -11.80 -4.62 -9.18
CA ALA A 152 -11.22 -3.34 -8.79
C ALA A 152 -12.24 -2.21 -8.96
N GLN A 153 -13.15 -2.34 -9.92
CA GLN A 153 -14.21 -1.35 -10.13
C GLN A 153 -15.08 -1.21 -8.88
N MET A 154 -15.60 -2.33 -8.37
CA MET A 154 -16.42 -2.31 -7.17
C MET A 154 -15.62 -1.86 -5.96
N LEU A 155 -14.30 -2.12 -5.95
CA LEU A 155 -13.51 -1.65 -4.83
C LEU A 155 -13.41 -0.13 -4.85
N SER A 156 -13.12 0.43 -6.02
CA SER A 156 -13.11 1.88 -6.14
C SER A 156 -14.45 2.46 -5.73
N LEU A 157 -15.55 1.90 -6.25
CA LEU A 157 -16.88 2.40 -5.90
C LEU A 157 -17.12 2.31 -4.40
N ASN A 158 -16.80 1.15 -3.78
CA ASN A 158 -17.02 0.97 -2.35
C ASN A 158 -16.21 1.97 -1.53
N LEU A 159 -15.00 2.32 -1.98
CA LEU A 159 -14.14 3.19 -1.19
C LEU A 159 -14.55 4.64 -1.33
N ALA A 160 -15.12 5.00 -2.47
CA ALA A 160 -15.48 6.37 -2.75
C ALA A 160 -16.93 6.67 -2.38
N PHE A 161 -17.75 5.64 -2.21
CA PHE A 161 -19.15 5.86 -1.85
C PHE A 161 -19.30 6.68 -0.59
N PRO A 162 -18.60 6.39 0.53
CA PRO A 162 -18.78 7.25 1.70
C PRO A 162 -18.61 8.72 1.39
N THR A 163 -17.66 9.08 0.51
CA THR A 163 -17.32 10.49 0.31
C THR A 163 -18.40 11.23 -0.48
N VAL A 164 -19.24 10.51 -1.21
CA VAL A 164 -20.24 11.10 -2.09
C VAL A 164 -21.64 10.60 -1.77
N ALA A 165 -21.84 10.10 -0.54
CA ALA A 165 -23.10 9.42 -0.21
C ALA A 165 -24.28 10.38 -0.21
N ASP A 166 -24.11 11.57 0.38
CA ASP A 166 -25.19 12.55 0.41
C ASP A 166 -25.60 12.94 -1.01
N GLN A 167 -24.63 13.14 -1.90
CA GLN A 167 -24.96 13.49 -3.28
C GLN A 167 -25.62 12.31 -4.01
N VAL A 168 -25.30 11.08 -3.63
CA VAL A 168 -26.03 9.94 -4.19
C VAL A 168 -27.46 9.88 -3.65
N TYR A 169 -27.63 9.96 -2.33
CA TYR A 169 -28.96 9.83 -1.74
C TYR A 169 -29.92 10.93 -2.19
N GLY A 170 -29.43 12.13 -2.40
CA GLY A 170 -30.31 13.19 -2.86
C GLY A 170 -30.39 13.39 -4.34
N ALA A 171 -29.63 12.64 -5.13
CA ALA A 171 -29.69 12.84 -6.58
C ALA A 171 -30.98 12.26 -7.16
N GLY A 172 -31.39 12.81 -8.29
CA GLY A 172 -32.58 12.33 -8.95
C GLY A 172 -32.30 11.11 -9.81
N GLU A 173 -33.37 10.40 -10.11
CA GLU A 173 -33.27 9.31 -11.06
C GLU A 173 -32.82 9.88 -12.40
N GLY A 174 -32.00 9.11 -13.10
CA GLY A 174 -31.42 9.59 -14.33
C GLY A 174 -30.21 10.46 -14.13
N ASP A 175 -29.92 10.86 -12.90
CA ASP A 175 -28.69 11.59 -12.64
C ASP A 175 -27.49 10.67 -12.70
N GLU A 176 -26.37 11.25 -13.12
CA GLU A 176 -25.07 10.55 -13.14
C GLU A 176 -24.23 11.13 -12.00
N ILE A 177 -23.45 10.28 -11.35
CA ILE A 177 -22.62 10.66 -10.22
C ILE A 177 -21.17 10.44 -10.58
N ARG A 178 -20.31 11.40 -10.24
CA ARG A 178 -18.87 11.28 -10.40
C ARG A 178 -18.27 10.68 -9.13
N PHE A 179 -17.65 9.50 -9.27
CA PHE A 179 -16.87 8.90 -8.18
C PHE A 179 -15.39 9.13 -8.46
N PRO A 180 -14.61 9.56 -7.46
CA PRO A 180 -13.23 10.05 -7.72
C PRO A 180 -12.33 9.14 -8.52
N GLY A 181 -12.13 7.90 -8.11
CA GLY A 181 -11.18 7.07 -8.83
C GLY A 181 -11.66 6.60 -10.19
N LEU A 182 -12.96 6.55 -10.39
CA LEU A 182 -13.49 5.79 -11.51
C LEU A 182 -13.46 6.61 -12.80
N PRO A 183 -13.09 6.00 -13.93
CA PRO A 183 -13.00 6.78 -15.18
C PRO A 183 -14.31 7.41 -15.64
N GLU A 184 -15.41 6.67 -15.72
CA GLU A 184 -16.65 7.26 -16.20
C GLU A 184 -17.66 7.45 -15.06
N SER A 185 -18.48 8.50 -15.18
CA SER A 185 -19.51 8.79 -14.19
C SER A 185 -20.54 7.67 -14.18
N ILE A 186 -21.14 7.44 -13.02
CA ILE A 186 -21.99 6.28 -12.78
C ILE A 186 -23.45 6.72 -12.72
N PRO A 187 -24.32 6.24 -13.61
CA PRO A 187 -25.75 6.53 -13.46
C PRO A 187 -26.25 5.99 -12.14
N ARG A 188 -27.16 6.74 -11.51
CA ARG A 188 -27.69 6.30 -10.21
C ARG A 188 -28.48 5.01 -10.37
N SER A 189 -29.07 4.80 -11.54
CA SER A 189 -29.81 3.56 -11.77
C SER A 189 -28.86 2.37 -11.84
N TRP A 190 -27.57 2.61 -12.13
CA TRP A 190 -26.66 1.47 -12.24
C TRP A 190 -26.07 1.05 -10.90
N LEU A 191 -26.16 1.88 -9.87
CA LEU A 191 -25.74 1.46 -8.54
C LEU A 191 -26.58 0.27 -8.09
N PRO A 192 -26.07 -0.55 -7.18
CA PRO A 192 -26.92 -1.58 -6.57
C PRO A 192 -28.10 -0.92 -5.88
N PRO A 193 -29.32 -1.33 -6.20
CA PRO A 193 -30.51 -0.64 -5.65
C PRO A 193 -30.52 -0.56 -4.12
N PRO A 194 -30.20 -1.64 -3.39
CA PRO A 194 -30.17 -1.49 -1.91
C PRO A 194 -29.34 -0.29 -1.45
N LEU A 195 -28.26 0.02 -2.15
CA LEU A 195 -27.46 1.20 -1.80
C LEU A 195 -28.32 2.45 -1.77
N LEU A 196 -29.27 2.56 -2.69
CA LEU A 196 -30.14 3.75 -2.72
C LEU A 196 -30.92 3.93 -1.43
N ASP A 197 -31.10 2.85 -0.66
CA ASP A 197 -31.82 2.90 0.60
C ASP A 197 -30.85 2.94 1.77
N PRO A 198 -30.64 4.10 2.43
CA PRO A 198 -29.67 4.14 3.55
C PRO A 198 -30.03 3.23 4.71
N ALA A 199 -31.31 2.97 4.93
CA ALA A 199 -31.69 2.09 6.04
C ALA A 199 -31.28 0.66 5.75
N HIS A 200 -31.11 0.30 4.48
CA HIS A 200 -30.99 -1.10 4.07
C HIS A 200 -29.71 -1.73 4.60
N LEU A 201 -29.82 -2.98 5.07
CA LEU A 201 -28.68 -3.61 5.73
C LEU A 201 -27.47 -3.67 4.80
N PHE A 202 -27.70 -3.98 3.51
CA PHE A 202 -26.60 -3.96 2.55
C PHE A 202 -25.94 -2.59 2.52
N ALA A 203 -26.74 -1.53 2.48
CA ALA A 203 -26.17 -0.18 2.45
C ALA A 203 -25.39 0.10 3.72
N VAL A 204 -25.86 -0.40 4.86
CA VAL A 204 -25.11 -0.27 6.10
C VAL A 204 -23.78 -0.99 5.99
N HIS A 205 -23.81 -2.26 5.59
CA HIS A 205 -22.57 -2.98 5.33
C HIS A 205 -21.68 -2.24 4.33
N PHE A 206 -22.25 -1.73 3.24
CA PHE A 206 -21.43 -1.08 2.22
C PHE A 206 -20.67 0.11 2.80
N VAL A 207 -21.32 0.90 3.68
CA VAL A 207 -20.65 2.09 4.23
C VAL A 207 -19.64 1.69 5.29
N GLU A 208 -20.00 0.76 6.17
CA GLU A 208 -19.06 0.24 7.14
C GLU A 208 -17.81 -0.31 6.46
N ASN A 209 -17.99 -1.06 5.37
CA ASN A 209 -16.85 -1.67 4.71
C ASN A 209 -16.03 -0.60 3.97
N GLY A 210 -16.70 0.27 3.22
CA GLY A 210 -15.98 1.36 2.56
C GLY A 210 -15.16 2.21 3.53
N LYS A 211 -15.59 2.28 4.80
CA LYS A 211 -14.88 3.09 5.79
C LYS A 211 -13.82 2.26 6.51
N ALA A 212 -14.03 0.95 6.61
CA ALA A 212 -13.09 0.10 7.33
C ALA A 212 -11.84 -0.20 6.48
N MET A 213 -12.00 -0.33 5.16
CA MET A 213 -10.88 -0.72 4.31
C MET A 213 -9.70 0.24 4.40
N PRO A 214 -9.87 1.55 4.56
CA PRO A 214 -8.66 2.35 4.74
C PRO A 214 -7.93 2.06 6.02
N ARG A 215 -8.50 1.24 6.92
CA ARG A 215 -7.85 0.94 8.18
C ARG A 215 -7.01 -0.34 8.12
N ALA A 216 -7.13 -1.09 7.02
CA ALA A 216 -6.47 -2.36 6.87
C ALA A 216 -4.97 -2.19 6.56
N ALA A 217 -4.22 -3.23 6.90
CA ALA A 217 -2.82 -3.29 6.49
C ALA A 217 -2.72 -3.18 4.98
N GLY A 218 -3.65 -3.78 4.27
CA GLY A 218 -3.73 -3.61 2.84
C GLY A 218 -4.91 -4.37 2.29
N ILE A 219 -5.13 -4.22 1.00
CA ILE A 219 -6.29 -4.77 0.31
C ILE A 219 -5.83 -5.69 -0.82
N LEU A 220 -6.24 -6.94 -0.77
CA LEU A 220 -6.01 -7.89 -1.84
C LEU A 220 -7.26 -7.94 -2.70
N VAL A 221 -7.14 -7.70 -4.00
CA VAL A 221 -8.30 -7.52 -4.88
C VAL A 221 -8.27 -8.57 -5.99
N HIS A 222 -9.42 -9.18 -6.25
CA HIS A 222 -9.52 -10.10 -7.39
C HIS A 222 -9.63 -9.27 -8.66
N SER A 223 -8.46 -8.94 -9.23
CA SER A 223 -8.34 -8.24 -10.49
C SER A 223 -6.92 -8.49 -11.02
N TRP A 224 -6.66 -8.09 -12.27
CA TRP A 224 -5.31 -8.08 -12.83
C TRP A 224 -5.20 -6.96 -13.87
N GLU A 225 -3.96 -6.53 -14.12
CA GLU A 225 -3.70 -5.34 -14.94
C GLU A 225 -4.38 -5.41 -16.29
N ALA A 226 -4.37 -6.57 -16.94
CA ALA A 226 -5.00 -6.65 -18.26
C ALA A 226 -6.52 -6.50 -18.16
N LEU A 227 -7.10 -6.85 -17.02
CA LEU A 227 -8.54 -6.75 -16.89
C LEU A 227 -8.98 -5.34 -16.50
N GLU A 228 -8.32 -4.72 -15.52
CA GLU A 228 -8.77 -3.43 -14.98
C GLU A 228 -7.62 -2.44 -14.82
N PRO A 229 -6.91 -2.12 -15.93
CA PRO A 229 -5.67 -1.32 -15.77
C PRO A 229 -5.91 0.07 -15.20
N GLU A 230 -7.00 0.74 -15.58
CA GLU A 230 -7.21 2.12 -15.12
C GLU A 230 -7.72 2.17 -13.68
N ALA A 231 -8.47 1.16 -13.23
CA ALA A 231 -8.89 1.18 -11.83
C ALA A 231 -7.72 0.79 -10.91
N LEU A 232 -6.89 -0.16 -11.32
CA LEU A 232 -5.74 -0.51 -10.50
C LEU A 232 -4.74 0.63 -10.44
N ALA A 233 -4.57 1.39 -11.53
CA ALA A 233 -3.70 2.55 -11.46
C ALA A 233 -4.27 3.58 -10.49
N ALA A 234 -5.58 3.83 -10.55
CA ALA A 234 -6.19 4.82 -9.67
C ALA A 234 -6.06 4.42 -8.22
N LEU A 235 -6.34 3.15 -7.91
CA LEU A 235 -6.22 2.67 -6.54
C LEU A 235 -4.80 2.77 -6.03
N ARG A 236 -3.81 2.52 -6.89
CA ARG A 236 -2.43 2.47 -6.40
C ARG A 236 -1.80 3.84 -6.39
N GLY A 237 -2.39 4.78 -7.13
CA GLY A 237 -1.83 6.09 -7.33
C GLY A 237 -2.51 7.17 -6.54
N GLY A 238 -3.19 6.82 -5.46
CA GLY A 238 -3.87 7.80 -4.63
C GLY A 238 -4.94 8.63 -5.29
N ARG A 239 -5.65 8.09 -6.28
CA ARG A 239 -6.67 8.84 -7.00
C ARG A 239 -8.10 8.42 -6.68
N VAL A 240 -8.32 7.37 -5.88
CA VAL A 240 -9.68 7.04 -5.51
C VAL A 240 -9.98 7.43 -4.07
N LEU A 241 -9.02 7.23 -3.16
CA LEU A 241 -9.25 7.61 -1.77
C LEU A 241 -7.93 7.91 -1.05
N ALA A 242 -7.99 8.88 -0.15
CA ALA A 242 -6.80 9.34 0.56
C ALA A 242 -6.53 8.44 1.75
N GLY A 243 -5.24 8.26 2.06
CA GLY A 243 -4.81 7.34 3.10
C GLY A 243 -5.02 5.87 2.80
N LEU A 244 -5.36 5.52 1.58
CA LEU A 244 -5.61 4.12 1.22
C LEU A 244 -4.36 3.26 1.47
N PRO A 245 -4.49 2.12 2.13
CA PRO A 245 -3.36 1.20 2.27
C PRO A 245 -3.03 0.55 0.94
N PRO A 246 -1.96 -0.25 0.89
CA PRO A 246 -1.56 -0.89 -0.38
C PRO A 246 -2.64 -1.76 -0.97
N VAL A 247 -2.82 -1.65 -2.27
CA VAL A 247 -3.82 -2.48 -3.02
C VAL A 247 -3.04 -3.42 -3.93
N LEU A 248 -3.14 -4.72 -3.74
CA LEU A 248 -2.41 -5.64 -4.67
C LEU A 248 -3.38 -6.54 -5.42
N PRO A 249 -3.38 -6.53 -6.77
CA PRO A 249 -4.27 -7.38 -7.53
C PRO A 249 -3.73 -8.81 -7.43
N ILE A 250 -4.56 -9.74 -6.99
CA ILE A 250 -4.09 -11.12 -6.70
C ILE A 250 -4.62 -12.10 -7.74
N GLY A 251 -5.37 -11.63 -8.72
CA GLY A 251 -5.95 -12.48 -9.72
C GLY A 251 -5.05 -12.74 -10.92
N PRO A 252 -5.50 -13.63 -11.84
CA PRO A 252 -6.77 -14.38 -11.69
C PRO A 252 -6.72 -15.63 -10.77
N LEU A 253 -7.87 -15.94 -10.20
CA LEU A 253 -8.03 -17.08 -9.29
C LEU A 253 -9.12 -17.97 -9.88
N TYR A 254 -8.83 -19.22 -10.14
CA TYR A 254 -9.90 -20.08 -10.68
C TYR A 254 -9.65 -21.52 -10.23
N GLN A 255 -10.70 -22.32 -10.26
CA GLN A 255 -10.58 -23.72 -9.80
C GLN A 255 -10.31 -24.62 -11.00
N LYS A 256 -11.41 -25.02 -11.65
CA LYS A 256 -11.49 -25.98 -12.79
C LYS A 256 -11.26 -27.39 -12.22
N GLU A 257 -10.87 -28.35 -13.06
CA GLU A 257 -10.62 -29.72 -12.56
C GLU A 257 -9.70 -30.43 -13.56
N LYS A 258 -9.06 -31.50 -13.10
CA LYS A 258 -8.12 -32.30 -13.93
C LYS A 258 -8.26 -33.77 -13.53
N SER A 259 -7.77 -34.68 -14.38
CA SER A 259 -7.90 -36.14 -14.13
C SER A 259 -9.35 -36.42 -13.79
N ASN A 260 -10.26 -36.05 -14.70
CA ASN A 260 -11.70 -36.24 -14.48
C ASN A 260 -12.31 -36.81 -15.75
N ALA A 261 -13.52 -37.37 -15.63
CA ALA A 261 -14.28 -37.93 -16.77
C ALA A 261 -14.91 -36.82 -17.61
N VAL A 262 -15.37 -37.15 -18.81
CA VAL A 262 -15.96 -36.13 -19.72
C VAL A 262 -17.40 -35.83 -19.28
N PHE A 263 -17.63 -34.59 -18.86
CA PHE A 263 -18.93 -34.15 -18.32
C PHE A 263 -20.03 -34.21 -19.38
N LEU A 264 -19.83 -33.64 -20.56
CA LEU A 264 -20.96 -33.59 -21.52
C LEU A 264 -20.45 -33.90 -22.91
N PRO A 265 -20.46 -35.17 -23.34
CA PRO A 265 -19.97 -35.54 -24.67
C PRO A 265 -20.56 -34.79 -25.87
N TRP A 266 -21.80 -34.32 -25.79
CA TRP A 266 -22.38 -33.52 -26.87
C TRP A 266 -21.54 -32.24 -27.07
N LEU A 267 -21.09 -31.61 -25.98
CA LEU A 267 -20.28 -30.38 -26.05
C LEU A 267 -18.93 -30.69 -26.66
N ASP A 268 -18.35 -31.85 -26.34
CA ASP A 268 -17.05 -32.30 -26.91
C ASP A 268 -17.21 -32.60 -28.41
N ALA A 269 -18.39 -32.98 -28.85
CA ALA A 269 -18.65 -33.29 -30.27
C ALA A 269 -18.97 -32.00 -31.04
N GLN A 270 -19.11 -30.88 -30.37
CA GLN A 270 -19.46 -29.64 -31.12
C GLN A 270 -18.22 -29.03 -31.78
N ARG A 271 -18.43 -28.24 -32.83
CA ARG A 271 -17.35 -27.58 -33.57
C ARG A 271 -16.77 -26.42 -32.78
N ASP A 272 -15.57 -26.02 -33.15
CA ASP A 272 -14.87 -24.90 -32.48
C ASP A 272 -15.74 -23.65 -32.39
N ARG A 273 -15.80 -23.06 -31.20
CA ARG A 273 -16.49 -21.79 -30.83
C ARG A 273 -17.88 -21.69 -31.44
N SER A 274 -18.69 -22.73 -31.37
CA SER A 274 -20.02 -22.71 -32.04
C SER A 274 -21.15 -22.71 -31.02
N VAL A 275 -20.85 -23.01 -29.78
CA VAL A 275 -21.92 -23.17 -28.79
C VAL A 275 -22.05 -21.94 -27.90
N LEU A 276 -23.28 -21.48 -27.70
CA LEU A 276 -23.49 -20.37 -26.76
C LEU A 276 -23.70 -21.00 -25.39
N PHE A 277 -22.89 -20.65 -24.41
CA PHE A 277 -23.14 -21.22 -23.07
C PHE A 277 -23.92 -20.18 -22.30
N VAL A 278 -25.09 -20.56 -21.81
CA VAL A 278 -25.94 -19.59 -21.09
C VAL A 278 -26.19 -20.10 -19.67
N CYS A 279 -25.98 -19.21 -18.71
CA CYS A 279 -26.19 -19.51 -17.29
C CYS A 279 -26.44 -18.19 -16.56
N PHE A 280 -27.38 -18.18 -15.63
CA PHE A 280 -27.72 -16.95 -14.90
C PHE A 280 -27.42 -17.05 -13.40
N GLY A 281 -26.59 -18.01 -13.00
CA GLY A 281 -26.12 -18.10 -11.61
C GLY A 281 -27.08 -18.70 -10.60
N ASN A 282 -26.67 -18.66 -9.32
CA ASN A 282 -27.39 -19.22 -8.16
C ASN A 282 -28.60 -18.38 -7.77
N ARG A 283 -28.45 -17.07 -7.72
CA ARG A 283 -29.57 -16.19 -7.29
C ARG A 283 -30.31 -15.62 -8.50
N SER A 284 -30.53 -16.45 -9.51
CA SER A 284 -31.29 -15.99 -10.71
C SER A 284 -32.68 -15.54 -10.28
N THR A 285 -33.00 -14.29 -10.58
CA THR A 285 -34.32 -13.75 -10.21
C THR A 285 -35.19 -13.69 -11.46
N HIS A 286 -34.85 -14.43 -12.51
CA HIS A 286 -35.69 -14.43 -13.73
C HIS A 286 -37.08 -14.95 -13.39
N SER A 287 -38.12 -14.35 -13.94
CA SER A 287 -39.49 -14.84 -13.67
C SER A 287 -39.76 -16.09 -14.50
N PRO A 288 -40.76 -16.91 -14.14
CA PRO A 288 -41.16 -18.06 -14.94
C PRO A 288 -41.59 -17.63 -16.34
N GLU A 289 -42.30 -16.51 -16.44
CA GLU A 289 -42.70 -15.97 -17.75
C GLU A 289 -41.44 -15.65 -18.55
N GLN A 290 -40.46 -15.04 -17.92
CA GLN A 290 -39.20 -14.66 -18.59
C GLN A 290 -38.43 -15.93 -18.98
N LEU A 291 -38.51 -16.99 -18.19
CA LEU A 291 -37.76 -18.21 -18.51
C LEU A 291 -38.28 -18.83 -19.80
N ARG A 292 -39.59 -18.84 -20.00
CA ARG A 292 -40.19 -19.43 -21.22
C ARG A 292 -39.84 -18.59 -22.44
N GLU A 293 -39.72 -17.28 -22.26
CA GLU A 293 -39.39 -16.39 -23.38
C GLU A 293 -37.91 -16.59 -23.69
N MET A 294 -37.12 -16.85 -22.65
CA MET A 294 -35.67 -17.08 -22.84
C MET A 294 -35.49 -18.36 -23.64
N ALA A 295 -36.25 -19.40 -23.30
CA ALA A 295 -36.18 -20.69 -24.00
C ALA A 295 -36.62 -20.49 -25.45
N ALA A 296 -37.64 -19.68 -25.68
CA ALA A 296 -38.09 -19.41 -27.05
C ALA A 296 -36.98 -18.68 -27.83
N GLY A 297 -36.25 -17.79 -27.18
CA GLY A 297 -35.15 -17.05 -27.83
C GLY A 297 -34.01 -17.96 -28.24
N LEU A 298 -33.63 -18.88 -27.37
CA LEU A 298 -32.54 -19.80 -27.77
C LEU A 298 -32.99 -20.63 -28.96
N GLU A 299 -34.22 -21.11 -28.91
CA GLU A 299 -34.77 -21.94 -30.00
C GLU A 299 -34.86 -21.12 -31.29
N ARG A 300 -35.35 -19.89 -31.21
CA ARG A 300 -35.54 -19.06 -32.43
C ARG A 300 -34.20 -18.59 -33.00
N SER A 301 -33.17 -18.51 -32.18
CA SER A 301 -31.83 -18.07 -32.65
C SER A 301 -31.26 -19.06 -33.66
N GLY A 302 -31.52 -20.36 -33.45
CA GLY A 302 -31.04 -21.45 -34.30
C GLY A 302 -29.58 -21.73 -34.06
N CYS A 303 -29.07 -21.30 -32.91
CA CYS A 303 -27.66 -21.47 -32.58
C CYS A 303 -27.51 -22.68 -31.66
N ARG A 304 -26.32 -23.24 -31.62
CA ARG A 304 -26.07 -24.35 -30.70
C ARG A 304 -25.94 -23.75 -29.32
N PHE A 305 -26.39 -24.46 -28.30
CA PHE A 305 -26.31 -23.87 -26.96
C PHE A 305 -26.34 -24.92 -25.86
N VAL A 306 -25.75 -24.55 -24.74
CA VAL A 306 -25.82 -25.37 -23.51
C VAL A 306 -26.34 -24.39 -22.47
N TRP A 307 -27.50 -24.67 -21.91
CA TRP A 307 -28.11 -23.72 -20.95
C TRP A 307 -28.29 -24.39 -19.59
N VAL A 308 -27.61 -23.89 -18.57
CA VAL A 308 -27.81 -24.50 -17.25
C VAL A 308 -28.67 -23.58 -16.40
N LEU A 309 -29.56 -24.18 -15.62
CA LEU A 309 -30.47 -23.47 -14.69
C LEU A 309 -30.07 -23.83 -13.26
N LYS A 324 -47.61 -25.06 -15.78
CA LYS A 324 -46.90 -26.03 -16.65
C LYS A 324 -45.41 -25.93 -16.40
N GLU A 325 -44.61 -26.53 -17.29
CA GLU A 325 -43.14 -26.47 -17.25
C GLU A 325 -42.75 -25.10 -17.78
N ILE A 326 -41.65 -24.53 -17.30
CA ILE A 326 -41.16 -23.20 -17.77
C ILE A 326 -40.69 -23.31 -19.23
N LEU A 327 -40.20 -24.46 -19.68
CA LEU A 327 -39.71 -24.62 -21.08
C LEU A 327 -40.88 -24.69 -22.06
N GLY A 328 -41.83 -25.56 -21.79
CA GLY A 328 -42.98 -25.77 -22.67
C GLY A 328 -43.13 -27.23 -23.05
N GLU A 329 -44.13 -27.53 -23.86
CA GLU A 329 -44.38 -28.93 -24.27
C GLU A 329 -43.64 -29.17 -25.58
N GLY A 330 -42.82 -30.24 -25.60
CA GLY A 330 -42.03 -30.70 -26.77
C GLY A 330 -40.86 -29.82 -27.12
N TYR A 331 -40.49 -28.88 -26.24
CA TYR A 331 -39.39 -27.95 -26.54
C TYR A 331 -38.09 -28.74 -26.70
N LEU A 332 -37.89 -29.70 -25.81
CA LEU A 332 -36.66 -30.51 -25.80
C LEU A 332 -36.51 -31.34 -27.07
N GLU A 333 -37.59 -31.93 -27.58
CA GLU A 333 -37.48 -32.76 -28.79
C GLU A 333 -37.19 -31.88 -29.99
N ARG A 334 -37.76 -30.68 -30.00
CA ARG A 334 -37.62 -29.74 -31.13
C ARG A 334 -36.20 -29.19 -31.21
N VAL A 335 -35.58 -29.06 -30.06
CA VAL A 335 -34.27 -28.39 -29.94
C VAL A 335 -33.14 -29.42 -29.77
N LYS A 336 -33.46 -30.70 -29.76
CA LYS A 336 -32.54 -31.86 -29.53
C LYS A 336 -31.22 -31.80 -30.31
N GLU A 337 -31.20 -31.29 -31.54
CA GLU A 337 -29.92 -31.29 -32.28
C GLU A 337 -29.03 -30.13 -31.87
N ARG A 338 -29.58 -29.00 -31.46
CA ARG A 338 -28.66 -27.88 -31.16
C ARG A 338 -28.67 -27.49 -29.69
N GLY A 339 -29.56 -28.04 -28.88
CA GLY A 339 -29.56 -27.51 -27.52
C GLY A 339 -29.51 -28.51 -26.40
N VAL A 340 -28.89 -28.12 -25.33
CA VAL A 340 -28.86 -28.95 -24.11
C VAL A 340 -29.26 -28.06 -22.95
N VAL A 341 -30.29 -28.42 -22.21
CA VAL A 341 -30.64 -27.64 -21.00
C VAL A 341 -30.40 -28.56 -19.81
N ILE A 342 -29.59 -28.11 -18.87
CA ILE A 342 -29.22 -28.91 -17.68
C ILE A 342 -29.76 -28.21 -16.45
N ASN A 343 -30.33 -28.95 -15.52
CA ASN A 343 -30.83 -28.39 -14.25
C ASN A 343 -29.95 -28.90 -13.14
N GLY A 344 -28.92 -28.16 -12.76
CA GLY A 344 -28.04 -28.63 -11.69
C GLY A 344 -26.73 -27.90 -11.70
N TRP A 345 -25.77 -28.36 -10.90
CA TRP A 345 -24.45 -27.68 -10.85
C TRP A 345 -23.59 -28.15 -12.02
N VAL A 346 -22.77 -27.26 -12.53
CA VAL A 346 -21.83 -27.55 -13.64
C VAL A 346 -20.59 -26.70 -13.37
N ASP A 347 -19.39 -27.20 -13.69
CA ASP A 347 -18.17 -26.39 -13.46
C ASP A 347 -18.14 -25.30 -14.52
N GLN A 348 -18.42 -24.07 -14.15
CA GLN A 348 -18.51 -23.00 -15.15
C GLN A 348 -17.16 -22.71 -15.80
N MET A 349 -16.09 -22.69 -15.01
CA MET A 349 -14.79 -22.32 -15.55
C MET A 349 -14.32 -23.36 -16.56
N THR A 350 -14.62 -24.63 -16.29
CA THR A 350 -14.32 -25.70 -17.24
C THR A 350 -15.08 -25.50 -18.55
N ILE A 351 -16.39 -25.19 -18.48
CA ILE A 351 -17.15 -24.97 -19.71
C ILE A 351 -16.66 -23.73 -20.46
N LEU A 352 -16.25 -22.67 -19.74
CA LEU A 352 -15.82 -21.47 -20.46
C LEU A 352 -14.47 -21.69 -21.14
N SER A 353 -13.63 -22.53 -20.55
CA SER A 353 -12.36 -22.87 -21.18
C SER A 353 -12.51 -23.92 -22.29
N HIS A 354 -13.73 -24.41 -22.56
CA HIS A 354 -13.92 -25.44 -23.60
C HIS A 354 -13.84 -24.86 -25.01
N ARG A 355 -13.12 -25.58 -25.88
CA ARG A 355 -12.85 -25.14 -27.24
C ARG A 355 -14.12 -25.01 -28.09
N ALA A 356 -15.24 -25.61 -27.66
CA ALA A 356 -16.43 -25.58 -28.51
C ALA A 356 -17.33 -24.40 -28.20
N VAL A 357 -17.19 -23.77 -27.05
CA VAL A 357 -18.12 -22.68 -26.77
C VAL A 357 -17.53 -21.37 -27.28
N GLY A 358 -18.40 -20.53 -27.81
CA GLY A 358 -17.96 -19.32 -28.47
C GLY A 358 -18.58 -18.08 -27.88
N GLY A 359 -19.37 -18.23 -26.82
CA GLY A 359 -20.18 -17.15 -26.30
C GLY A 359 -20.72 -17.50 -24.92
N PHE A 360 -20.73 -16.50 -24.05
CA PHE A 360 -21.21 -16.64 -22.68
C PHE A 360 -22.32 -15.62 -22.47
N PHE A 361 -23.56 -16.11 -22.38
CA PHE A 361 -24.75 -15.34 -22.11
C PHE A 361 -25.04 -15.48 -20.61
N SER A 362 -24.87 -14.38 -19.88
CA SER A 362 -24.58 -14.36 -18.45
C SER A 362 -25.40 -13.28 -17.74
N HIS A 363 -25.65 -13.52 -16.45
CA HIS A 363 -26.17 -12.51 -15.55
C HIS A 363 -25.13 -11.45 -15.21
N SER A 364 -23.94 -11.57 -15.78
CA SER A 364 -22.86 -10.57 -15.64
C SER A 364 -22.35 -10.38 -14.21
N GLY A 365 -22.08 -11.46 -13.51
CA GLY A 365 -21.39 -11.35 -12.22
C GLY A 365 -19.94 -10.91 -12.36
N SER A 366 -19.43 -10.41 -11.24
CA SER A 366 -18.00 -10.09 -11.14
C SER A 366 -17.15 -11.31 -11.41
N SER A 367 -17.58 -12.45 -10.90
CA SER A 367 -16.82 -13.67 -11.07
C SER A 367 -17.07 -14.26 -12.46
N SER A 368 -18.26 -14.07 -13.00
CA SER A 368 -18.51 -14.51 -14.37
C SER A 368 -17.67 -13.72 -15.37
N VAL A 369 -17.46 -12.42 -15.12
CA VAL A 369 -16.68 -11.61 -16.06
C VAL A 369 -15.20 -11.96 -15.96
N ALA A 370 -14.71 -12.30 -14.77
CA ALA A 370 -13.31 -12.70 -14.67
C ALA A 370 -13.08 -14.07 -15.32
N GLU A 371 -14.09 -14.94 -15.28
CA GLU A 371 -13.97 -16.27 -15.84
C GLU A 371 -14.05 -16.24 -17.35
N ALA A 372 -14.96 -15.42 -17.91
CA ALA A 372 -14.99 -15.24 -19.35
C ALA A 372 -13.65 -14.71 -19.84
N ALA A 373 -13.02 -13.84 -19.07
CA ALA A 373 -11.75 -13.29 -19.47
C ALA A 373 -10.68 -14.37 -19.49
N ILE A 374 -10.64 -15.22 -18.46
CA ILE A 374 -9.71 -16.35 -18.48
C ILE A 374 -10.01 -17.27 -19.66
N GLY A 375 -11.28 -17.62 -19.88
CA GLY A 375 -11.56 -18.50 -20.98
C GLY A 375 -11.61 -17.85 -22.36
N GLY A 376 -11.41 -16.54 -22.46
CA GLY A 376 -11.57 -15.93 -23.77
C GLY A 376 -12.93 -16.04 -24.39
N GLN A 377 -13.98 -15.94 -23.59
CA GLN A 377 -15.33 -15.89 -24.14
C GLN A 377 -15.88 -14.49 -24.11
N PRO A 378 -16.45 -14.03 -25.22
CA PRO A 378 -17.25 -12.80 -25.19
C PRO A 378 -18.54 -13.00 -24.41
N LEU A 379 -19.06 -11.89 -23.89
CA LEU A 379 -20.21 -11.93 -22.99
C LEU A 379 -21.43 -11.23 -23.60
N LEU A 380 -22.54 -11.95 -23.63
CA LEU A 380 -23.87 -11.36 -23.70
C LEU A 380 -24.36 -11.23 -22.25
N LEU A 381 -24.57 -9.99 -21.82
CA LEU A 381 -24.73 -9.61 -20.43
C LEU A 381 -26.16 -9.20 -20.15
N TRP A 382 -26.76 -9.79 -19.11
CA TRP A 382 -28.08 -9.42 -18.62
C TRP A 382 -27.93 -9.21 -17.13
N PRO A 383 -27.52 -8.02 -16.70
CA PRO A 383 -27.39 -7.74 -15.27
C PRO A 383 -28.75 -7.71 -14.61
N MET A 384 -28.88 -8.47 -13.51
CA MET A 384 -30.15 -8.63 -12.80
C MET A 384 -30.32 -7.79 -11.57
N GLY A 385 -29.22 -7.58 -10.84
CA GLY A 385 -29.34 -6.95 -9.54
C GLY A 385 -27.98 -6.66 -8.96
N GLY A 386 -27.95 -5.62 -8.14
CA GLY A 386 -26.77 -5.30 -7.37
C GLY A 386 -25.63 -4.81 -8.24
N ASP A 387 -24.46 -5.41 -8.04
CA ASP A 387 -23.22 -5.02 -8.67
C ASP A 387 -23.04 -5.62 -10.06
N GLN A 388 -24.05 -6.31 -10.59
CA GLN A 388 -23.92 -6.91 -11.91
C GLN A 388 -23.80 -5.84 -12.98
N ARG A 389 -24.43 -4.68 -12.74
CA ARG A 389 -24.32 -3.55 -13.66
C ARG A 389 -22.90 -3.01 -13.72
N MET A 390 -22.23 -2.89 -12.58
CA MET A 390 -20.84 -2.42 -12.59
C MET A 390 -19.93 -3.42 -13.30
N SER A 391 -20.22 -4.71 -13.13
CA SER A 391 -19.45 -5.74 -13.82
C SER A 391 -19.63 -5.62 -15.33
N ALA A 392 -20.85 -5.35 -15.77
CA ALA A 392 -21.07 -5.22 -17.20
C ALA A 392 -20.22 -4.08 -17.78
N LEU A 393 -19.98 -3.04 -17.01
CA LEU A 393 -19.17 -1.92 -17.49
C LEU A 393 -17.70 -2.32 -17.60
N VAL A 394 -17.19 -3.10 -16.64
CA VAL A 394 -15.85 -3.67 -16.77
C VAL A 394 -15.70 -4.39 -18.12
N ALA A 395 -16.68 -5.24 -18.48
CA ALA A 395 -16.54 -5.98 -19.73
C ALA A 395 -16.75 -5.08 -20.94
N GLU A 396 -17.68 -4.12 -20.86
CA GLU A 396 -17.89 -3.22 -21.98
C GLU A 396 -16.69 -2.34 -22.20
N ARG A 397 -16.00 -1.97 -21.11
CA ARG A 397 -14.86 -1.06 -21.22
C ARG A 397 -13.75 -1.72 -22.02
N ARG A 398 -13.46 -2.99 -21.74
CA ARG A 398 -12.50 -3.76 -22.51
C ARG A 398 -13.02 -4.16 -23.88
N GLY A 399 -14.27 -3.86 -24.20
CA GLY A 399 -14.81 -4.26 -25.49
C GLY A 399 -15.05 -5.75 -25.67
N MET A 400 -15.26 -6.49 -24.59
CA MET A 400 -15.43 -7.92 -24.70
C MET A 400 -16.81 -8.37 -24.30
N GLY A 401 -17.73 -7.43 -24.09
CA GLY A 401 -19.06 -7.77 -23.66
C GLY A 401 -20.04 -6.71 -24.13
N VAL A 402 -21.30 -7.12 -24.16
CA VAL A 402 -22.43 -6.39 -24.71
C VAL A 402 -23.56 -6.50 -23.70
N TRP A 403 -23.95 -5.39 -23.08
CA TRP A 403 -25.14 -5.42 -22.23
C TRP A 403 -26.22 -4.59 -22.89
N PRO A 404 -27.18 -5.20 -23.59
CA PRO A 404 -28.30 -4.43 -24.15
C PRO A 404 -29.04 -3.69 -23.04
N ARG A 405 -28.96 -2.36 -23.06
CA ARG A 405 -29.85 -1.55 -22.24
C ARG A 405 -31.29 -1.93 -22.59
N GLY A 406 -32.15 -1.93 -21.59
CA GLY A 406 -33.50 -2.44 -21.77
C GLY A 406 -33.69 -3.82 -21.20
N TRP A 407 -32.58 -4.51 -20.93
CA TRP A 407 -32.59 -5.79 -20.23
C TRP A 407 -32.38 -5.42 -18.78
N GLY A 408 -33.49 -5.32 -18.05
CA GLY A 408 -33.51 -4.58 -16.81
C GLY A 408 -33.28 -5.41 -15.59
N TRP A 409 -33.19 -4.70 -14.46
CA TRP A 409 -33.29 -5.32 -13.15
C TRP A 409 -34.44 -6.32 -13.13
N SER A 410 -34.20 -7.49 -12.51
CA SER A 410 -35.29 -8.43 -12.25
C SER A 410 -36.42 -7.76 -11.48
N ALA A 411 -36.07 -6.86 -10.55
CA ALA A 411 -37.08 -6.25 -9.69
C ALA A 411 -38.04 -5.39 -10.50
N ASP A 412 -37.55 -4.73 -11.56
CA ASP A 412 -38.41 -4.01 -12.50
C ASP A 412 -38.86 -5.01 -13.56
N ASP A 413 -40.15 -5.36 -13.51
CA ASP A 413 -40.69 -6.50 -14.26
C ASP A 413 -41.08 -6.09 -15.67
N LYS A 414 -40.06 -5.89 -16.50
CA LYS A 414 -40.25 -5.69 -17.94
C LYS A 414 -39.88 -6.98 -18.64
N LEU A 415 -40.85 -7.57 -19.35
CA LEU A 415 -40.70 -8.88 -19.96
C LEU A 415 -40.16 -8.77 -21.38
N ILE A 416 -38.95 -9.29 -21.60
CA ILE A 416 -38.28 -9.28 -22.90
C ILE A 416 -38.72 -10.45 -23.77
N PRO A 417 -39.13 -10.20 -25.01
CA PRO A 417 -39.66 -11.27 -25.85
C PRO A 417 -38.56 -12.13 -26.47
N GLY A 418 -38.87 -13.43 -26.60
CA GLY A 418 -37.93 -14.36 -27.22
C GLY A 418 -37.52 -13.93 -28.61
N GLU A 419 -38.38 -13.17 -29.30
CA GLU A 419 -38.01 -12.71 -30.63
C GLU A 419 -36.88 -11.69 -30.55
N GLU A 420 -36.87 -10.88 -29.50
CA GLU A 420 -35.77 -9.95 -29.28
C GLU A 420 -34.52 -10.68 -28.80
N ILE A 421 -34.70 -11.65 -27.92
CA ILE A 421 -33.57 -12.42 -27.39
C ILE A 421 -32.85 -13.14 -28.53
N ALA A 422 -33.61 -13.70 -29.47
CA ALA A 422 -33.03 -14.42 -30.62
C ALA A 422 -32.17 -13.50 -31.49
N ARG A 423 -32.66 -12.30 -31.78
CA ARG A 423 -31.90 -11.35 -32.64
C ARG A 423 -30.60 -10.92 -31.95
N ARG A 424 -30.63 -10.71 -30.65
CA ARG A 424 -29.41 -10.26 -29.93
C ARG A 424 -28.41 -11.41 -29.90
N ILE A 425 -28.89 -12.63 -29.70
CA ILE A 425 -28.02 -13.84 -29.66
C ILE A 425 -27.35 -14.02 -31.03
N LYS A 426 -28.10 -13.85 -32.11
CA LYS A 426 -27.53 -14.00 -33.46
C LYS A 426 -26.46 -12.92 -33.65
N ASP A 427 -26.80 -11.67 -33.32
CA ASP A 427 -25.81 -10.59 -33.47
C ASP A 427 -24.60 -10.83 -32.58
N PHE A 428 -24.82 -11.37 -31.39
CA PHE A 428 -23.74 -11.56 -30.45
C PHE A 428 -22.80 -12.69 -30.90
N MET A 429 -23.37 -13.83 -31.30
CA MET A 429 -22.52 -14.92 -31.79
C MET A 429 -21.83 -14.55 -33.10
N GLY A 430 -22.40 -13.59 -33.85
CA GLY A 430 -21.79 -13.21 -35.10
C GLY A 430 -20.75 -12.11 -34.99
N ASP A 431 -20.71 -11.40 -33.86
CA ASP A 431 -19.75 -10.30 -33.71
C ASP A 431 -18.37 -10.93 -33.63
N ASN A 432 -17.72 -11.05 -34.78
CA ASN A 432 -16.39 -11.63 -34.84
C ASN A 432 -15.37 -10.73 -34.15
N ALA A 433 -15.61 -9.40 -34.21
CA ALA A 433 -14.68 -8.47 -33.60
C ALA A 433 -14.76 -8.53 -32.08
N LEU A 434 -15.97 -8.69 -31.54
CA LEU A 434 -16.15 -8.99 -30.13
C LEU A 434 -15.35 -10.21 -29.72
N ARG A 435 -15.44 -11.28 -30.50
CA ARG A 435 -14.72 -12.51 -30.15
C ARG A 435 -13.23 -12.28 -30.10
N ALA A 436 -12.70 -11.51 -31.04
CA ALA A 436 -11.25 -11.34 -31.10
C ALA A 436 -10.73 -10.59 -29.88
N VAL A 437 -11.49 -9.62 -29.33
CA VAL A 437 -10.92 -8.98 -28.15
C VAL A 437 -11.01 -9.93 -26.96
N ALA A 438 -12.08 -10.75 -26.89
CA ALA A 438 -12.14 -11.79 -25.88
C ALA A 438 -10.97 -12.77 -26.02
N ALA A 439 -10.57 -13.09 -27.27
CA ALA A 439 -9.40 -13.95 -27.50
C ALA A 439 -8.11 -13.27 -27.06
N LYS A 440 -7.96 -11.99 -27.42
CA LYS A 440 -6.84 -11.21 -26.89
C LYS A 440 -6.78 -11.28 -25.38
N MET A 441 -7.91 -11.00 -24.71
CA MET A 441 -7.92 -10.96 -23.25
C MET A 441 -7.42 -12.28 -22.67
N LYS A 442 -7.87 -13.41 -23.24
CA LYS A 442 -7.36 -14.72 -22.87
C LYS A 442 -5.84 -14.77 -22.95
N LYS A 443 -5.27 -14.23 -24.03
CA LYS A 443 -3.82 -14.30 -24.21
C LYS A 443 -3.10 -13.50 -23.13
N GLU A 444 -3.49 -12.24 -22.94
CA GLU A 444 -2.87 -11.43 -21.89
C GLU A 444 -3.09 -12.06 -20.53
N THR A 445 -4.29 -12.54 -20.24
CA THR A 445 -4.52 -13.14 -18.94
C THR A 445 -3.61 -14.35 -18.75
N ALA A 446 -3.34 -15.09 -19.83
CA ALA A 446 -2.44 -16.23 -19.76
C ALA A 446 -1.00 -15.81 -19.49
N SER A 447 -0.56 -14.69 -20.08
CA SER A 447 0.73 -14.13 -19.68
C SER A 447 0.77 -13.90 -18.18
N ALA A 448 -0.28 -13.28 -17.62
CA ALA A 448 -0.28 -13.00 -16.20
C ALA A 448 -0.17 -14.27 -15.38
N MET A 449 -0.76 -15.37 -15.84
CA MET A 449 -0.68 -16.62 -15.09
C MET A 449 0.66 -17.34 -15.27
N ALA A 450 1.34 -17.15 -16.42
CA ALA A 450 2.60 -17.83 -16.68
C ALA A 450 3.60 -17.63 -15.53
N PRO A 451 4.53 -18.56 -15.36
CA PRO A 451 5.50 -18.43 -14.26
C PRO A 451 6.34 -17.17 -14.43
N GLY A 452 6.61 -16.52 -13.30
CA GLY A 452 7.19 -15.20 -13.32
C GLY A 452 6.35 -14.13 -13.97
N GLY A 453 5.10 -14.40 -14.35
CA GLY A 453 4.20 -13.38 -14.81
C GLY A 453 3.68 -12.50 -13.66
N SER A 454 2.84 -11.53 -14.03
CA SER A 454 2.25 -10.58 -13.09
C SER A 454 1.74 -11.23 -11.80
N LYS A 455 0.89 -12.25 -11.92
CA LYS A 455 0.26 -12.83 -10.74
C LYS A 455 1.30 -13.39 -9.78
N ASP A 456 2.24 -14.20 -10.30
CA ASP A 456 3.31 -14.71 -9.44
C ASP A 456 4.02 -13.60 -8.72
N GLN A 457 4.21 -12.47 -9.38
CA GLN A 457 4.96 -11.39 -8.77
C GLN A 457 4.15 -10.72 -7.67
N TRP A 458 2.86 -10.53 -7.90
CA TRP A 458 2.02 -9.98 -6.85
C TRP A 458 1.99 -10.91 -5.63
N PHE A 459 1.91 -12.22 -5.86
CA PHE A 459 1.89 -13.19 -4.77
C PHE A 459 3.22 -13.23 -4.04
N ASP A 460 4.35 -13.34 -4.79
CA ASP A 460 5.67 -13.11 -4.20
C ASP A 460 5.67 -11.84 -3.37
N ASP A 461 5.21 -10.74 -3.95
CA ASP A 461 5.19 -9.47 -3.23
C ASP A 461 4.47 -9.59 -1.89
N PHE A 462 3.25 -10.15 -1.89
CA PHE A 462 2.51 -10.30 -0.63
C PHE A 462 3.27 -11.16 0.37
N ILE A 463 3.70 -12.36 -0.04
CA ILE A 463 4.43 -13.25 0.85
C ILE A 463 5.66 -12.56 1.44
N ALA A 464 6.42 -11.82 0.63
CA ALA A 464 7.60 -11.09 1.16
C ALA A 464 7.18 -9.97 2.10
N ARG A 465 6.06 -9.34 1.77
CA ARG A 465 5.54 -8.24 2.59
C ARG A 465 5.25 -8.75 3.99
N ILE A 466 4.65 -9.94 4.04
CA ILE A 466 4.21 -10.59 5.27
C ILE A 466 5.38 -11.24 6.00
N ASN A 467 6.35 -11.78 5.26
CA ASN A 467 7.33 -12.70 5.83
C ASN A 467 8.24 -12.00 6.84
N ARG A 468 8.51 -12.68 7.94
CA ARG A 468 9.30 -12.13 9.01
C ARG A 468 10.63 -12.87 9.06
N VAL A 469 11.71 -12.11 9.26
CA VAL A 469 13.03 -12.70 9.20
C VAL A 469 13.33 -13.50 10.46
N GLY B 1 11.41 -3.68 2.78
CA GLY B 1 10.41 -3.80 1.75
C GLY B 1 10.98 -3.61 0.35
N MET B 2 10.94 -4.66 -0.49
CA MET B 2 11.47 -4.64 -1.84
C MET B 2 10.41 -4.13 -2.83
N SER B 3 10.86 -3.87 -4.05
CA SER B 3 10.12 -3.11 -5.03
C SER B 3 8.83 -3.85 -5.42
N PRO B 4 7.69 -3.16 -5.52
CA PRO B 4 6.48 -3.86 -5.93
C PRO B 4 6.56 -4.14 -7.41
N PRO B 5 5.86 -5.16 -7.91
CA PRO B 5 5.90 -5.42 -9.35
C PRO B 5 5.70 -4.11 -10.10
N ALA B 6 6.37 -4.00 -11.26
CA ALA B 6 6.23 -2.83 -12.10
C ALA B 6 5.13 -3.06 -13.13
N PRO B 7 3.96 -2.44 -12.97
CA PRO B 7 3.07 -2.26 -14.13
C PRO B 7 3.25 -0.94 -14.84
N ALA B 8 3.34 -1.00 -16.17
CA ALA B 8 3.54 0.28 -16.89
C ALA B 8 3.01 0.22 -18.33
N ASP B 9 2.29 1.26 -18.72
CA ASP B 9 1.92 1.38 -20.15
C ASP B 9 3.14 2.07 -20.74
N VAL B 10 4.15 1.27 -21.09
CA VAL B 10 5.40 1.86 -21.64
C VAL B 10 5.09 2.40 -23.04
N VAL B 11 3.85 2.22 -23.50
CA VAL B 11 3.48 2.61 -24.90
C VAL B 11 3.58 4.12 -25.14
N SER B 12 2.87 4.95 -24.35
CA SER B 12 2.89 6.40 -24.66
C SER B 12 2.37 7.28 -23.52
N SER B 13 3.19 8.19 -22.99
CA SER B 13 2.73 9.16 -21.97
C SER B 13 3.74 10.30 -21.83
N ALA B 14 3.26 11.47 -21.40
CA ALA B 14 4.21 12.54 -21.07
C ALA B 14 4.68 12.29 -19.64
N LYS B 15 5.84 12.80 -19.26
CA LYS B 15 6.27 12.60 -17.86
C LYS B 15 5.34 13.43 -16.98
N PRO B 16 4.96 12.94 -15.78
CA PRO B 16 4.05 13.66 -14.92
C PRO B 16 4.59 15.00 -14.37
N HIS B 17 3.68 15.88 -14.02
CA HIS B 17 3.98 17.19 -13.45
C HIS B 17 3.80 17.12 -11.93
N VAL B 18 4.86 17.43 -11.19
CA VAL B 18 4.88 17.29 -9.74
C VAL B 18 5.22 18.61 -9.09
N ALA B 19 4.33 19.09 -8.21
CA ALA B 19 4.60 20.26 -7.38
C ALA B 19 5.33 19.81 -6.11
N VAL B 20 6.21 20.65 -5.57
CA VAL B 20 7.02 20.29 -4.40
C VAL B 20 7.04 21.47 -3.43
N ILE B 21 6.75 21.20 -2.16
CA ILE B 21 6.74 22.21 -1.11
C ILE B 21 7.71 21.81 -0.02
N PRO B 22 8.76 22.56 0.20
CA PRO B 22 9.72 22.24 1.28
C PRO B 22 9.36 22.91 2.60
N ALA B 23 9.79 22.34 3.71
CA ALA B 23 9.78 22.99 5.01
C ALA B 23 11.04 23.85 5.20
N ALA B 24 10.99 24.68 6.23
CA ALA B 24 12.03 25.69 6.47
C ALA B 24 13.32 25.07 7.02
N GLY B 25 14.44 25.62 6.59
CA GLY B 25 15.70 25.18 7.16
C GLY B 25 16.51 24.34 6.19
N MET B 26 17.81 24.62 6.15
CA MET B 26 18.69 24.00 5.15
C MET B 26 18.69 22.50 5.29
N GLY B 27 18.58 22.01 6.54
CA GLY B 27 18.46 20.58 6.74
C GLY B 27 17.26 19.97 6.04
N HIS B 28 16.14 20.70 5.99
CA HIS B 28 15.00 20.20 5.24
C HIS B 28 15.10 20.56 3.76
N LEU B 29 15.67 21.72 3.43
CA LEU B 29 15.67 22.16 2.04
C LEU B 29 16.55 21.27 1.15
N ASN B 30 17.78 20.99 1.56
CA ASN B 30 18.68 20.26 0.69
C ASN B 30 18.15 18.90 0.27
N PRO B 31 17.72 18.00 1.16
CA PRO B 31 17.13 16.74 0.67
C PRO B 31 15.98 16.95 -0.30
N THR B 32 15.10 17.92 -0.03
CA THR B 32 13.97 18.23 -0.93
C THR B 32 14.49 18.66 -2.29
N LEU B 33 15.43 19.61 -2.33
CA LEU B 33 16.07 19.96 -3.59
C LEU B 33 16.65 18.75 -4.30
N ARG B 34 17.29 17.84 -3.55
CA ARG B 34 17.77 16.61 -4.20
C ARG B 34 16.61 15.77 -4.73
N LEU B 35 15.56 15.61 -3.92
CA LEU B 35 14.40 14.86 -4.38
C LEU B 35 13.86 15.44 -5.67
N ALA B 36 13.68 16.78 -5.69
CA ALA B 36 13.13 17.44 -6.87
C ALA B 36 14.07 17.28 -8.06
N GLY B 37 15.36 17.46 -7.84
CA GLY B 37 16.33 17.10 -8.87
C GLY B 37 16.12 15.71 -9.41
N GLU B 38 15.98 14.73 -8.53
CA GLU B 38 15.90 13.33 -8.95
C GLU B 38 14.69 13.10 -9.85
N LEU B 39 13.59 13.81 -9.57
CA LEU B 39 12.40 13.76 -10.41
C LEU B 39 12.64 14.43 -11.76
N ALA B 40 13.24 15.62 -11.75
CA ALA B 40 13.51 16.35 -12.98
C ALA B 40 14.44 15.54 -13.87
N SER B 41 15.51 15.02 -13.27
CA SER B 41 16.40 14.03 -13.88
C SER B 41 15.66 13.00 -14.73
N ARG B 42 14.54 12.46 -14.24
CA ARG B 42 13.86 11.40 -14.98
C ARG B 42 12.77 11.94 -15.90
N GLY B 43 12.78 13.23 -16.18
CA GLY B 43 11.86 13.80 -17.13
C GLY B 43 10.62 14.45 -16.56
N CYS B 44 10.36 14.33 -15.26
CA CYS B 44 9.22 15.04 -14.69
C CYS B 44 9.45 16.54 -14.78
N VAL B 45 8.41 17.26 -15.13
CA VAL B 45 8.42 18.70 -14.92
C VAL B 45 8.04 18.92 -13.46
N VAL B 46 8.79 19.78 -12.76
CA VAL B 46 8.48 20.06 -11.36
C VAL B 46 8.23 21.55 -11.16
N THR B 47 7.25 21.86 -10.30
CA THR B 47 6.94 23.22 -9.87
C THR B 47 7.30 23.32 -8.39
N PHE B 48 8.33 24.09 -8.08
CA PHE B 48 8.79 24.30 -6.71
C PHE B 48 8.03 25.46 -6.09
N ILE B 49 7.45 25.22 -4.92
CA ILE B 49 6.69 26.20 -4.18
C ILE B 49 7.62 26.90 -3.21
N ASN B 50 7.72 28.21 -3.30
CA ASN B 50 8.50 29.00 -2.37
C ASN B 50 7.61 29.79 -1.45
N PRO B 51 7.82 29.75 -0.14
CA PRO B 51 7.19 30.76 0.73
C PRO B 51 7.72 32.12 0.39
N SER B 52 6.81 33.07 0.20
CA SER B 52 7.16 34.43 -0.19
C SER B 52 6.62 35.44 0.82
N PRO B 53 7.46 36.32 1.36
CA PRO B 53 8.89 36.39 1.10
C PRO B 53 9.65 35.35 1.92
N PRO B 54 10.91 35.04 1.58
CA PRO B 54 11.58 33.91 2.25
C PRO B 54 11.98 34.30 3.65
N VAL B 55 12.00 33.35 4.56
CA VAL B 55 12.53 33.69 5.88
C VAL B 55 14.01 33.95 5.78
N SER B 56 14.71 33.12 5.00
CA SER B 56 16.15 33.21 4.82
C SER B 56 16.43 33.49 3.35
N LEU B 57 17.31 34.46 3.07
CA LEU B 57 17.66 34.73 1.68
C LEU B 57 18.55 33.62 1.13
N ALA B 58 19.45 33.09 1.95
CA ALA B 58 20.26 31.96 1.52
C ALA B 58 19.39 30.81 1.02
N GLU B 59 18.34 30.44 1.76
CA GLU B 59 17.47 29.37 1.30
C GLU B 59 16.89 29.64 -0.09
N ALA B 60 16.37 30.86 -0.29
CA ALA B 60 15.86 31.25 -1.60
C ALA B 60 16.96 31.21 -2.65
N THR B 61 18.19 31.56 -2.27
CA THR B 61 19.29 31.42 -3.22
C THR B 61 19.49 29.97 -3.63
N SER B 62 19.61 29.06 -2.64
CA SER B 62 19.68 27.63 -2.93
C SER B 62 18.59 27.23 -3.91
N VAL B 63 17.35 27.66 -3.67
CA VAL B 63 16.25 27.37 -4.60
C VAL B 63 16.56 27.93 -5.98
N ALA B 64 17.01 29.18 -6.06
CA ALA B 64 17.29 29.80 -7.36
C ALA B 64 18.32 29.01 -8.15
N GLU B 65 19.46 28.69 -7.53
CA GLU B 65 20.47 27.88 -8.22
C GLU B 65 19.84 26.61 -8.78
N PHE B 66 18.98 25.96 -7.99
CA PHE B 66 18.37 24.72 -8.45
C PHE B 66 17.47 24.95 -9.65
N VAL B 67 16.62 25.99 -9.64
CA VAL B 67 15.75 26.16 -10.80
C VAL B 67 16.55 26.61 -12.03
N ALA B 68 17.59 27.43 -11.82
CA ALA B 68 18.38 27.83 -12.97
C ALA B 68 19.18 26.66 -13.52
N SER B 69 19.70 25.78 -12.66
CA SER B 69 20.56 24.72 -13.16
C SER B 69 19.77 23.53 -13.71
N THR B 70 18.50 23.35 -13.31
CA THR B 70 17.89 22.13 -13.86
C THR B 70 16.66 22.46 -14.69
N PRO B 71 16.48 21.78 -15.84
CA PRO B 71 15.65 22.34 -16.91
C PRO B 71 14.15 22.24 -16.69
N GLY B 72 13.69 21.12 -16.16
CA GLY B 72 12.22 20.99 -16.11
C GLY B 72 11.57 21.71 -14.95
N VAL B 73 12.18 22.74 -14.37
CA VAL B 73 11.55 23.27 -13.14
C VAL B 73 11.06 24.71 -13.25
N ARG B 74 9.85 24.93 -12.76
CA ARG B 74 9.22 26.23 -12.65
C ARG B 74 9.13 26.59 -11.19
N LEU B 75 9.15 27.88 -10.90
CA LEU B 75 9.13 28.40 -9.54
C LEU B 75 7.80 29.07 -9.30
N LEU B 76 7.17 28.78 -8.16
CA LEU B 76 5.85 29.34 -7.80
C LEU B 76 5.91 29.97 -6.40
N ASP B 77 5.27 31.12 -6.25
CA ASP B 77 5.40 31.92 -5.05
C ASP B 77 4.18 31.73 -4.17
N LEU B 78 4.40 31.51 -2.89
CA LEU B 78 3.31 31.25 -1.95
C LEU B 78 3.42 32.26 -0.83
N PRO B 79 2.53 33.25 -0.79
CA PRO B 79 2.61 34.30 0.23
C PRO B 79 2.39 33.70 1.60
N VAL B 80 3.33 33.92 2.50
CA VAL B 80 3.19 33.53 3.89
C VAL B 80 3.56 34.72 4.76
N GLN B 81 2.81 34.90 5.85
CA GLN B 81 3.10 35.92 6.84
C GLN B 81 3.72 35.26 8.05
N PRO B 82 4.85 35.77 8.54
CA PRO B 82 5.48 35.20 9.73
C PRO B 82 4.56 35.31 10.93
N LEU B 83 4.58 34.28 11.78
CA LEU B 83 3.79 34.27 13.00
C LEU B 83 4.38 35.20 14.05
N ASP B 84 3.57 35.52 15.05
CA ASP B 84 4.00 36.43 16.11
C ASP B 84 5.04 35.78 17.01
N PRO B 85 6.28 36.29 17.08
CA PRO B 85 7.30 35.63 17.94
C PRO B 85 6.93 35.59 19.41
N SER B 86 6.19 36.60 19.93
CA SER B 86 5.89 36.64 21.37
C SER B 86 5.07 35.43 21.82
N CYS B 87 4.28 34.85 20.93
CA CYS B 87 3.52 33.66 21.38
C CYS B 87 4.30 32.37 21.12
N PHE B 88 5.61 32.46 20.91
CA PHE B 88 6.44 31.24 20.73
C PHE B 88 7.49 31.18 21.85
N PRO B 89 7.55 30.09 22.64
CA PRO B 89 8.55 30.06 23.70
C PRO B 89 9.95 30.10 23.08
N ALA B 90 10.85 30.90 23.65
CA ALA B 90 12.21 31.07 23.07
C ALA B 90 13.08 29.83 23.26
N HIS B 91 12.76 28.98 24.24
CA HIS B 91 13.55 27.76 24.51
C HIS B 91 13.42 26.77 23.34
N GLU B 92 12.19 26.55 22.86
CA GLU B 92 11.88 25.65 21.75
C GLU B 92 12.52 26.11 20.41
N ASP B 93 12.66 25.15 19.49
CA ASP B 93 13.29 25.31 18.17
C ASP B 93 12.68 26.50 17.40
N PRO B 94 13.50 27.46 16.92
CA PRO B 94 12.94 28.56 16.13
C PRO B 94 12.22 28.10 14.88
N PHE B 95 12.60 26.94 14.30
CA PHE B 95 12.00 26.54 13.04
C PHE B 95 10.56 26.12 13.20
N LEU B 96 10.14 25.76 14.42
CA LEU B 96 8.77 25.34 14.59
C LEU B 96 7.80 26.43 14.15
N ARG B 97 8.04 27.67 14.55
CA ARG B 97 7.12 28.73 14.14
C ARG B 97 7.17 28.96 12.64
N GLN B 98 8.30 28.70 12.01
CA GLN B 98 8.36 28.87 10.56
C GLN B 98 7.49 27.85 9.85
N PHE B 99 7.49 26.59 10.33
CA PHE B 99 6.55 25.58 9.83
C PHE B 99 5.12 26.05 9.98
N GLU B 100 4.76 26.62 11.13
CA GLU B 100 3.36 26.97 11.36
C GLU B 100 2.92 28.12 10.46
N ALA B 101 3.83 29.08 10.20
CA ALA B 101 3.50 30.12 9.24
C ALA B 101 3.18 29.54 7.87
N VAL B 102 3.93 28.54 7.39
CA VAL B 102 3.64 28.15 6.01
C VAL B 102 2.44 27.22 5.97
N ARG B 103 2.25 26.37 6.99
CA ARG B 103 0.98 25.65 7.12
C ARG B 103 -0.20 26.60 6.98
N ARG B 104 -0.13 27.75 7.66
CA ARG B 104 -1.24 28.70 7.64
C ARG B 104 -1.63 29.11 6.23
N SER B 105 -0.68 29.10 5.29
CA SER B 105 -0.88 29.58 3.92
C SER B 105 -1.43 28.54 2.96
N ALA B 106 -1.68 27.31 3.41
CA ALA B 106 -2.12 26.28 2.47
C ALA B 106 -3.41 26.66 1.74
N PRO B 107 -4.40 27.34 2.34
CA PRO B 107 -5.57 27.74 1.56
C PRO B 107 -5.24 28.65 0.41
N LEU B 108 -4.16 29.41 0.47
CA LEU B 108 -3.80 30.27 -0.65
C LEU B 108 -3.36 29.47 -1.85
N LEU B 109 -3.07 28.18 -1.66
CA LEU B 109 -2.39 27.43 -2.69
C LEU B 109 -3.35 26.92 -3.77
N THR B 110 -4.54 26.50 -3.38
CA THR B 110 -5.44 25.87 -4.35
C THR B 110 -5.82 26.81 -5.49
N PRO B 111 -6.13 28.10 -5.29
CA PRO B 111 -6.23 28.98 -6.46
C PRO B 111 -4.93 29.06 -7.25
N LEU B 112 -3.78 29.03 -6.58
CA LEU B 112 -2.53 29.21 -7.29
C LEU B 112 -2.29 28.09 -8.30
N LEU B 113 -2.83 26.88 -8.02
CA LEU B 113 -2.62 25.74 -8.90
C LEU B 113 -3.66 25.64 -10.00
N SER B 114 -4.78 26.37 -9.86
CA SER B 114 -5.86 26.31 -10.84
C SER B 114 -5.38 26.64 -12.24
N ASP B 115 -4.60 27.71 -12.39
CA ASP B 115 -4.15 28.08 -13.73
C ASP B 115 -3.26 27.01 -14.33
N VAL B 116 -2.58 26.22 -13.49
CA VAL B 116 -1.34 25.57 -13.88
C VAL B 116 -1.55 24.56 -15.00
N SER B 117 -0.65 24.61 -16.00
CA SER B 117 -0.57 23.66 -17.12
C SER B 117 0.87 23.25 -17.36
N PRO B 118 1.14 21.96 -17.68
CA PRO B 118 0.20 20.82 -17.69
C PRO B 118 -0.43 20.59 -16.30
N PRO B 119 -1.55 19.87 -16.22
CA PRO B 119 -2.17 19.68 -14.90
C PRO B 119 -1.22 18.97 -13.97
N LEU B 120 -1.36 19.22 -12.69
CA LEU B 120 -0.46 18.58 -11.73
C LEU B 120 -0.82 17.10 -11.61
N ALA B 121 0.20 16.24 -11.55
CA ALA B 121 -0.05 14.82 -11.30
C ALA B 121 0.01 14.54 -9.81
N ALA B 122 0.80 15.32 -9.09
CA ALA B 122 0.91 15.16 -7.66
C ALA B 122 1.63 16.36 -7.07
N ILE B 123 1.50 16.47 -5.76
CA ILE B 123 2.25 17.40 -4.94
C ILE B 123 3.00 16.60 -3.89
N VAL B 124 4.27 16.96 -3.68
CA VAL B 124 5.12 16.37 -2.64
C VAL B 124 5.37 17.45 -1.60
N CYS B 125 5.13 17.08 -0.34
CA CYS B 125 5.21 18.06 0.77
C CYS B 125 6.02 17.50 1.93
N ASP B 126 6.91 18.33 2.44
CA ASP B 126 7.68 17.96 3.63
C ASP B 126 6.75 17.72 4.81
N ILE B 127 7.01 16.64 5.54
CA ILE B 127 6.24 16.27 6.73
C ILE B 127 6.04 17.47 7.64
N ALA B 128 7.05 18.34 7.72
CA ALA B 128 7.03 19.36 8.76
C ALA B 128 5.96 20.43 8.50
N ILE B 129 5.44 20.54 7.28
CA ILE B 129 4.36 21.47 6.96
C ILE B 129 3.19 20.80 6.26
N CYS B 130 3.20 19.47 6.14
CA CYS B 130 2.30 18.82 5.20
C CYS B 130 0.83 18.87 5.63
N SER B 131 0.54 18.92 6.94
CA SER B 131 -0.81 18.59 7.43
C SER B 131 -1.91 19.45 6.79
N THR B 132 -1.72 20.76 6.71
CA THR B 132 -2.79 21.55 6.12
C THR B 132 -2.77 21.47 4.60
N PHE B 133 -1.65 21.10 4.00
CA PHE B 133 -1.63 21.02 2.54
C PHE B 133 -2.32 19.73 2.09
N LEU B 134 -2.24 18.69 2.92
CA LEU B 134 -2.95 17.46 2.62
C LEU B 134 -4.43 17.73 2.44
N THR B 135 -5.02 18.55 3.31
CA THR B 135 -6.43 18.87 3.17
C THR B 135 -6.71 19.61 1.87
N VAL B 136 -5.93 20.65 1.57
CA VAL B 136 -6.10 21.39 0.32
C VAL B 136 -5.98 20.47 -0.90
N ALA B 137 -4.93 19.64 -0.96
CA ALA B 137 -4.81 18.70 -2.08
C ALA B 137 -6.06 17.85 -2.23
N ALA B 138 -6.59 17.33 -1.12
CA ALA B 138 -7.78 16.49 -1.19
C ALA B 138 -8.94 17.21 -1.89
N GLU B 139 -9.18 18.48 -1.56
CA GLU B 139 -10.29 19.21 -2.18
C GLU B 139 -10.19 19.17 -3.70
N ILE B 140 -9.00 19.43 -4.25
CA ILE B 140 -8.83 19.53 -5.69
C ILE B 140 -8.45 18.18 -6.29
N SER B 141 -8.70 17.10 -5.53
CA SER B 141 -8.41 15.72 -5.94
C SER B 141 -7.02 15.57 -6.54
N LEU B 142 -6.01 16.15 -5.87
CA LEU B 142 -4.63 16.06 -6.32
C LEU B 142 -3.87 15.14 -5.38
N PRO B 143 -3.37 14.00 -5.84
CA PRO B 143 -2.65 13.10 -4.92
C PRO B 143 -1.49 13.82 -4.24
N ALA B 144 -1.48 13.71 -2.90
CA ALA B 144 -0.48 14.36 -2.06
C ALA B 144 0.40 13.30 -1.42
N TYR B 145 1.72 13.45 -1.57
CA TYR B 145 2.72 12.53 -1.02
C TYR B 145 3.57 13.28 0.00
N VAL B 146 3.83 12.64 1.12
CA VAL B 146 4.65 13.26 2.15
C VAL B 146 6.11 12.90 1.92
N PHE B 147 6.98 13.88 2.02
CA PHE B 147 8.42 13.64 2.02
C PHE B 147 8.86 13.66 3.47
N PHE B 148 9.41 12.55 3.92
CA PHE B 148 9.96 12.37 5.26
C PHE B 148 11.46 12.18 5.07
N SER B 149 12.22 13.21 5.40
CA SER B 149 13.65 13.28 5.08
C SER B 149 14.53 12.63 6.14
N LEU B 150 13.99 12.30 7.30
CA LEU B 150 14.71 11.57 8.34
C LEU B 150 14.54 10.07 8.10
N SER B 151 15.12 9.25 8.99
CA SER B 151 15.22 7.81 8.74
C SER B 151 13.86 7.08 8.74
N ALA B 152 13.87 5.85 8.22
CA ALA B 152 12.67 5.02 8.27
C ALA B 152 12.36 4.67 9.71
N GLN B 153 13.40 4.60 10.53
CA GLN B 153 13.21 4.39 11.96
C GLN B 153 12.45 5.56 12.59
N MET B 154 12.87 6.79 12.32
CA MET B 154 12.16 7.94 12.85
C MET B 154 10.74 7.99 12.31
N LEU B 155 10.55 7.68 11.03
CA LEU B 155 9.20 7.63 10.47
C LEU B 155 8.31 6.65 11.24
N SER B 156 8.84 5.44 11.54
CA SER B 156 8.07 4.46 12.30
C SER B 156 7.74 4.98 13.68
N LEU B 157 8.69 5.63 14.33
CA LEU B 157 8.39 6.27 15.60
C LEU B 157 7.27 7.28 15.43
N ASN B 158 7.37 8.13 14.40
CA ASN B 158 6.49 9.30 14.28
C ASN B 158 5.06 8.87 13.97
N LEU B 159 4.90 7.76 13.24
CA LEU B 159 3.57 7.21 12.98
C LEU B 159 3.04 6.42 14.16
N ALA B 160 3.91 5.72 14.89
CA ALA B 160 3.41 4.83 15.90
C ALA B 160 3.12 5.60 17.19
N PHE B 161 3.86 6.69 17.42
CA PHE B 161 3.70 7.43 18.66
C PHE B 161 2.26 7.79 19.01
N PRO B 162 1.40 8.25 18.11
CA PRO B 162 0.05 8.59 18.58
C PRO B 162 -0.70 7.38 19.13
N THR B 163 -0.46 6.17 18.60
CA THR B 163 -1.25 5.02 19.05
C THR B 163 -0.79 4.54 20.42
N VAL B 164 0.44 4.86 20.81
CA VAL B 164 0.96 4.49 22.11
C VAL B 164 1.12 5.70 23.03
N ALA B 165 0.52 6.83 22.65
CA ALA B 165 0.76 8.06 23.39
C ALA B 165 0.29 7.93 24.85
N ASP B 166 -0.94 7.40 25.07
CA ASP B 166 -1.40 7.17 26.45
C ASP B 166 -0.41 6.30 27.24
N GLN B 167 0.16 5.26 26.61
CA GLN B 167 1.12 4.46 27.33
C GLN B 167 2.35 5.26 27.67
N VAL B 168 2.80 6.12 26.76
CA VAL B 168 4.00 6.91 27.01
C VAL B 168 3.80 7.85 28.20
N TYR B 169 2.67 8.55 28.23
CA TYR B 169 2.49 9.56 29.27
C TYR B 169 2.02 8.95 30.59
N GLY B 170 1.43 7.74 30.53
CA GLY B 170 1.16 6.97 31.74
C GLY B 170 2.39 6.33 32.34
N ALA B 171 3.43 6.16 31.54
CA ALA B 171 4.60 5.42 31.99
C ALA B 171 5.31 6.19 33.09
N GLY B 172 5.92 5.45 34.01
CA GLY B 172 6.86 6.08 34.91
C GLY B 172 8.24 6.14 34.26
N GLU B 173 8.96 7.22 34.55
CA GLU B 173 10.31 7.41 33.98
C GLU B 173 11.15 6.20 34.35
N GLY B 174 11.90 5.68 33.38
CA GLY B 174 12.66 4.44 33.55
C GLY B 174 11.92 3.29 32.93
N ASP B 175 10.69 3.55 32.48
CA ASP B 175 9.88 2.53 31.80
C ASP B 175 10.35 2.41 30.36
N GLU B 176 10.05 1.29 29.73
CA GLU B 176 10.41 1.05 28.31
C GLU B 176 9.10 0.92 27.55
N ILE B 177 9.03 1.50 26.36
CA ILE B 177 7.76 1.46 25.59
C ILE B 177 7.95 0.56 24.38
N ARG B 178 6.97 -0.28 24.09
CA ARG B 178 7.04 -1.12 22.87
C ARG B 178 6.31 -0.41 21.73
N PHE B 179 7.05 0.08 20.75
CA PHE B 179 6.46 0.75 19.58
C PHE B 179 6.13 -0.26 18.51
N PRO B 180 4.92 -0.23 17.95
CA PRO B 180 4.54 -1.27 16.97
C PRO B 180 5.52 -1.33 15.81
N GLY B 181 5.80 -2.55 15.35
CA GLY B 181 6.62 -2.75 14.18
C GLY B 181 8.09 -2.64 14.42
N LEU B 182 8.51 -2.31 15.62
CA LEU B 182 9.94 -2.18 15.95
C LEU B 182 10.35 -3.21 17.01
N PRO B 183 11.43 -4.00 16.78
CA PRO B 183 11.63 -5.21 17.60
C PRO B 183 12.05 -4.89 19.03
N GLU B 184 12.95 -3.94 19.15
CA GLU B 184 13.56 -3.55 20.41
C GLU B 184 12.62 -2.62 21.16
N SER B 185 12.11 -3.09 22.31
CA SER B 185 11.49 -2.19 23.26
C SER B 185 12.52 -1.15 23.67
N ILE B 186 12.12 0.11 23.73
CA ILE B 186 13.11 1.17 23.93
C ILE B 186 12.73 2.02 25.14
N PRO B 187 13.71 2.49 25.92
CA PRO B 187 13.39 3.36 27.06
C PRO B 187 12.86 4.70 26.60
N ARG B 188 11.92 5.24 27.39
CA ARG B 188 11.34 6.55 27.11
C ARG B 188 12.40 7.64 27.11
N SER B 189 13.45 7.48 27.91
CA SER B 189 14.53 8.46 27.90
C SER B 189 15.23 8.54 26.55
N TRP B 190 15.09 7.52 25.69
CA TRP B 190 15.73 7.61 24.37
C TRP B 190 14.96 8.52 23.41
N LEU B 191 13.67 8.73 23.65
CA LEU B 191 12.89 9.70 22.88
C LEU B 191 13.45 11.11 23.03
N PRO B 192 13.21 11.99 22.05
CA PRO B 192 13.58 13.41 22.20
C PRO B 192 12.95 14.00 23.44
N PRO B 193 13.73 14.62 24.32
CA PRO B 193 13.18 15.12 25.60
C PRO B 193 11.91 15.94 25.43
N PRO B 194 11.83 16.89 24.47
CA PRO B 194 10.55 17.61 24.32
C PRO B 194 9.33 16.72 24.19
N LEU B 195 9.47 15.55 23.56
CA LEU B 195 8.32 14.69 23.36
C LEU B 195 7.67 14.29 24.69
N LEU B 196 8.43 14.26 25.79
CA LEU B 196 7.88 13.81 27.07
C LEU B 196 6.89 14.79 27.67
N ASP B 197 6.98 16.07 27.36
CA ASP B 197 6.00 17.05 27.83
C ASP B 197 4.87 17.19 26.81
N PRO B 198 3.67 16.69 27.08
CA PRO B 198 2.60 16.76 26.07
C PRO B 198 2.24 18.18 25.68
N ALA B 199 2.38 19.16 26.58
CA ALA B 199 2.11 20.54 26.19
C ALA B 199 3.18 21.10 25.26
N HIS B 200 4.37 20.50 25.23
CA HIS B 200 5.51 21.12 24.57
C HIS B 200 5.30 21.15 23.06
N LEU B 201 5.78 22.22 22.44
CA LEU B 201 5.44 22.50 21.05
C LEU B 201 5.95 21.41 20.13
N PHE B 202 7.12 20.87 20.41
CA PHE B 202 7.62 19.76 19.61
C PHE B 202 6.69 18.56 19.70
N ALA B 203 6.21 18.23 20.90
CA ALA B 203 5.26 17.13 21.02
C ALA B 203 4.03 17.38 20.17
N VAL B 204 3.50 18.61 20.23
CA VAL B 204 2.24 18.94 19.56
C VAL B 204 2.40 18.84 18.05
N HIS B 205 3.55 19.30 17.51
CA HIS B 205 3.87 19.08 16.10
C HIS B 205 4.07 17.60 15.78
N PHE B 206 4.70 16.86 16.70
CA PHE B 206 5.08 15.48 16.42
C PHE B 206 3.84 14.63 16.25
N VAL B 207 2.86 14.82 17.13
CA VAL B 207 1.63 14.05 17.05
C VAL B 207 0.80 14.52 15.86
N GLU B 208 0.73 15.84 15.64
CA GLU B 208 -0.04 16.35 14.52
C GLU B 208 0.50 15.82 13.21
N ASN B 209 1.82 15.85 13.02
CA ASN B 209 2.39 15.31 11.80
C ASN B 209 2.24 13.78 11.76
N GLY B 210 2.37 13.10 12.90
CA GLY B 210 2.18 11.66 12.92
C GLY B 210 0.76 11.25 12.57
N LYS B 211 -0.22 12.09 12.89
CA LYS B 211 -1.60 11.79 12.56
C LYS B 211 -1.93 12.23 11.13
N ALA B 212 -1.14 13.16 10.58
CA ALA B 212 -1.43 13.65 9.23
C ALA B 212 -0.95 12.67 8.16
N MET B 213 0.27 12.13 8.32
CA MET B 213 0.85 11.27 7.28
C MET B 213 -0.10 10.16 6.84
N PRO B 214 -0.82 9.45 7.71
CA PRO B 214 -1.70 8.39 7.18
C PRO B 214 -2.77 8.89 6.25
N ARG B 215 -3.04 10.19 6.20
CA ARG B 215 -4.06 10.71 5.29
C ARG B 215 -3.53 10.88 3.87
N ALA B 216 -2.22 10.69 3.66
CA ALA B 216 -1.59 11.01 2.38
C ALA B 216 -1.84 9.93 1.33
N ALA B 217 -1.54 10.28 0.08
CA ALA B 217 -1.56 9.28 -0.98
C ALA B 217 -0.44 8.27 -0.77
N GLY B 218 0.68 8.71 -0.19
CA GLY B 218 1.72 7.83 0.30
C GLY B 218 2.80 8.66 0.93
N ILE B 219 3.92 8.00 1.25
CA ILE B 219 5.07 8.60 1.93
C ILE B 219 6.35 8.23 1.20
N LEU B 220 7.15 9.23 0.87
CA LEU B 220 8.47 9.06 0.28
C LEU B 220 9.50 9.31 1.38
N VAL B 221 10.28 8.31 1.75
CA VAL B 221 11.15 8.40 2.92
C VAL B 221 12.61 8.25 2.51
N HIS B 222 13.47 9.08 3.11
CA HIS B 222 14.89 9.01 2.82
C HIS B 222 15.52 7.82 3.53
N SER B 223 15.36 6.65 2.93
CA SER B 223 16.03 5.46 3.43
C SER B 223 16.21 4.52 2.26
N TRP B 224 16.86 3.38 2.50
CA TRP B 224 16.99 2.37 1.46
C TRP B 224 17.05 1.00 2.12
N GLU B 225 16.58 -0.01 1.36
CA GLU B 225 16.40 -1.36 1.88
C GLU B 225 17.66 -1.89 2.55
N ALA B 226 18.82 -1.62 1.97
CA ALA B 226 20.07 -2.15 2.51
C ALA B 226 20.38 -1.57 3.88
N LEU B 227 19.89 -0.36 4.16
CA LEU B 227 20.22 0.31 5.42
C LEU B 227 19.20 -0.02 6.51
N GLU B 228 17.93 -0.15 6.15
CA GLU B 228 16.84 -0.24 7.14
C GLU B 228 15.83 -1.30 6.73
N PRO B 229 16.28 -2.53 6.49
CA PRO B 229 15.35 -3.56 5.99
C PRO B 229 14.16 -3.83 6.90
N GLU B 230 14.38 -3.88 8.22
CA GLU B 230 13.30 -4.17 9.15
C GLU B 230 12.29 -3.02 9.24
N ALA B 231 12.77 -1.79 9.47
CA ALA B 231 11.86 -0.66 9.51
C ALA B 231 11.04 -0.57 8.22
N LEU B 232 11.68 -0.74 7.07
CA LEU B 232 10.93 -0.62 5.81
C LEU B 232 9.97 -1.79 5.62
N ALA B 233 10.36 -3.01 6.03
CA ALA B 233 9.43 -4.13 5.96
C ALA B 233 8.17 -3.85 6.80
N ALA B 234 8.35 -3.32 8.02
CA ALA B 234 7.23 -3.12 8.91
C ALA B 234 6.32 -2.00 8.42
N LEU B 235 6.90 -0.96 7.80
CA LEU B 235 6.08 0.10 7.21
C LEU B 235 5.27 -0.39 6.02
N ARG B 236 5.82 -1.25 5.18
CA ARG B 236 5.09 -1.66 3.96
C ARG B 236 4.19 -2.86 4.23
N GLY B 237 4.28 -3.43 5.41
CA GLY B 237 3.51 -4.60 5.76
C GLY B 237 2.57 -4.39 6.91
N GLY B 238 2.17 -3.15 7.15
CA GLY B 238 1.18 -2.81 8.16
C GLY B 238 1.55 -3.15 9.59
N ARG B 239 2.82 -3.06 9.97
CA ARG B 239 3.19 -3.43 11.33
C ARG B 239 3.46 -2.20 12.19
N VAL B 240 3.73 -1.04 11.58
CA VAL B 240 3.89 0.15 12.40
C VAL B 240 2.52 0.78 12.65
N LEU B 241 1.66 0.76 11.63
CA LEU B 241 0.41 1.49 11.72
C LEU B 241 -0.60 0.91 10.74
N ALA B 242 -1.77 0.57 11.24
CA ALA B 242 -2.80 -0.02 10.41
C ALA B 242 -3.33 1.03 9.44
N GLY B 243 -3.62 0.61 8.23
CA GLY B 243 -4.11 1.56 7.25
C GLY B 243 -3.09 2.53 6.70
N LEU B 244 -1.81 2.34 7.01
CA LEU B 244 -0.76 3.20 6.47
C LEU B 244 -0.79 3.15 4.94
N PRO B 245 -0.59 4.29 4.26
CA PRO B 245 -0.57 4.26 2.78
C PRO B 245 0.79 3.81 2.28
N PRO B 246 1.01 3.69 0.97
CA PRO B 246 2.29 3.11 0.51
C PRO B 246 3.48 3.94 0.97
N VAL B 247 4.54 3.24 1.40
CA VAL B 247 5.79 3.85 1.84
C VAL B 247 6.89 3.47 0.86
N LEU B 248 7.50 4.48 0.24
CA LEU B 248 8.52 4.26 -0.82
C LEU B 248 9.89 4.70 -0.33
N PRO B 249 10.89 3.80 -0.23
CA PRO B 249 12.25 4.16 0.17
C PRO B 249 12.88 4.86 -1.04
N ILE B 250 13.27 6.12 -0.86
CA ILE B 250 13.65 6.98 -1.95
C ILE B 250 15.12 7.35 -1.93
N GLY B 251 15.84 6.96 -0.89
CA GLY B 251 17.27 7.20 -0.79
C GLY B 251 18.15 6.14 -1.44
N PRO B 252 19.47 6.33 -1.38
CA PRO B 252 20.12 7.50 -0.77
C PRO B 252 20.06 8.74 -1.69
N LEU B 253 19.84 9.93 -1.13
CA LEU B 253 19.81 11.14 -1.94
C LEU B 253 21.19 11.77 -2.11
N TYR B 254 22.23 11.15 -1.58
CA TYR B 254 23.62 11.56 -1.80
C TYR B 254 24.17 10.90 -3.05
N PRO B 265 46.00 14.49 0.80
CA PRO B 265 47.12 15.24 1.34
C PRO B 265 47.88 14.47 2.43
N TRP B 266 47.50 14.73 3.68
CA TRP B 266 48.11 14.05 4.81
C TRP B 266 47.65 12.60 4.92
N LEU B 267 46.42 12.31 4.46
CA LEU B 267 45.87 10.97 4.59
C LEU B 267 46.58 9.95 3.70
N ASP B 268 47.00 10.36 2.50
CA ASP B 268 47.57 9.43 1.53
C ASP B 268 48.81 8.71 2.04
N ALA B 269 49.34 9.13 3.19
CA ALA B 269 50.56 8.58 3.74
C ALA B 269 50.33 7.42 4.69
N GLN B 270 49.13 7.29 5.25
CA GLN B 270 48.88 6.39 6.37
C GLN B 270 48.48 5.01 5.87
N ARG B 271 48.74 3.99 6.71
CA ARG B 271 48.26 2.66 6.37
C ARG B 271 46.75 2.73 6.20
N ASP B 272 46.21 1.98 5.25
CA ASP B 272 44.76 2.04 5.06
C ASP B 272 44.03 1.46 6.27
N ARG B 273 42.78 1.89 6.42
CA ARG B 273 41.94 1.68 7.57
C ARG B 273 42.58 2.09 8.90
N SER B 274 43.70 2.83 8.91
CA SER B 274 44.35 3.10 10.19
C SER B 274 43.74 4.30 10.93
N VAL B 275 43.19 5.28 10.22
CA VAL B 275 42.90 6.59 10.82
C VAL B 275 41.43 6.71 11.21
N LEU B 276 41.20 7.22 12.41
CA LEU B 276 39.88 7.54 12.90
C LEU B 276 39.50 8.93 12.42
N PHE B 277 38.32 9.08 11.87
CA PHE B 277 37.84 10.36 11.41
C PHE B 277 36.76 10.83 12.37
N VAL B 278 37.00 11.95 13.04
CA VAL B 278 36.11 12.41 14.08
C VAL B 278 35.62 13.82 13.73
N CYS B 279 34.31 13.99 13.77
CA CYS B 279 33.65 15.26 13.50
C CYS B 279 32.34 15.25 14.27
N PHE B 280 32.21 16.16 15.23
CA PHE B 280 30.98 16.25 15.98
C PHE B 280 29.98 17.22 15.37
N GLY B 281 30.36 17.94 14.32
CA GLY B 281 29.39 18.66 13.51
C GLY B 281 29.33 20.15 13.83
N ASN B 282 28.68 20.88 12.92
CA ASN B 282 28.57 22.33 13.05
C ASN B 282 27.78 22.73 14.29
N ARG B 283 26.73 21.96 14.61
CA ARG B 283 25.80 22.29 15.68
C ARG B 283 26.01 21.45 16.94
N SER B 284 27.21 20.90 17.13
CA SER B 284 27.47 19.99 18.25
C SER B 284 27.40 20.70 19.60
N THR B 285 26.88 20.02 20.62
CA THR B 285 26.91 20.53 21.99
C THR B 285 27.91 19.74 22.80
N HIS B 286 29.04 20.33 23.10
CA HIS B 286 29.90 19.71 24.08
C HIS B 286 30.31 20.72 25.14
N SER B 287 30.14 20.33 26.41
CA SER B 287 30.65 21.10 27.51
C SER B 287 32.15 21.28 27.30
N PRO B 288 32.75 22.33 27.88
CA PRO B 288 34.19 22.52 27.64
C PRO B 288 35.02 21.43 28.27
N GLU B 289 34.71 21.09 29.52
CA GLU B 289 35.17 19.84 30.10
C GLU B 289 35.02 18.66 29.13
N GLN B 290 33.83 18.51 28.53
CA GLN B 290 33.64 17.35 27.64
C GLN B 290 34.52 17.47 26.39
N LEU B 291 34.59 18.66 25.80
CA LEU B 291 35.47 18.85 24.66
C LEU B 291 36.93 18.58 25.05
N ARG B 292 37.35 19.06 26.22
CA ARG B 292 38.72 18.82 26.67
C ARG B 292 38.95 17.33 26.90
N GLU B 293 38.00 16.64 27.53
CA GLU B 293 38.12 15.20 27.73
C GLU B 293 38.24 14.47 26.40
N MET B 294 37.49 14.90 25.37
CA MET B 294 37.65 14.34 24.03
C MET B 294 39.08 14.50 23.54
N ALA B 295 39.65 15.69 23.66
CA ALA B 295 41.05 15.87 23.31
C ALA B 295 41.94 14.90 24.06
N ALA B 296 41.87 14.88 25.41
CA ALA B 296 42.72 13.97 26.17
C ALA B 296 42.55 12.54 25.65
N GLY B 297 41.31 12.05 25.55
CA GLY B 297 41.08 10.69 25.07
C GLY B 297 41.58 10.43 23.66
N LEU B 298 41.33 11.35 22.74
CA LEU B 298 41.87 11.23 21.40
C LEU B 298 43.39 11.09 21.42
N GLU B 299 44.06 11.97 22.17
CA GLU B 299 45.52 11.91 22.22
C GLU B 299 45.99 10.64 22.93
N ARG B 300 45.25 10.19 23.93
CA ARG B 300 45.70 9.04 24.69
C ARG B 300 45.52 7.75 23.90
N SER B 301 44.56 7.73 22.97
CA SER B 301 44.27 6.49 22.25
C SER B 301 45.49 5.99 21.47
N GLY B 302 46.27 6.91 20.89
CA GLY B 302 47.36 6.52 20.03
C GLY B 302 46.96 6.18 18.61
N CYS B 303 45.68 6.22 18.28
CA CYS B 303 45.28 6.06 16.90
C CYS B 303 45.55 7.34 16.13
N ARG B 304 45.82 7.17 14.84
CA ARG B 304 45.86 8.27 13.91
C ARG B 304 44.46 8.85 13.75
N PHE B 305 44.35 10.17 13.60
CA PHE B 305 43.02 10.76 13.58
C PHE B 305 42.99 12.15 12.97
N VAL B 306 41.85 12.46 12.37
CA VAL B 306 41.55 13.76 11.79
C VAL B 306 40.29 14.28 12.48
N TRP B 307 40.38 15.46 13.08
CA TRP B 307 39.30 16.03 13.87
C TRP B 307 38.82 17.32 13.23
N VAL B 308 37.51 17.41 13.01
CA VAL B 308 36.87 18.65 12.55
C VAL B 308 36.31 19.35 13.79
N LEU B 309 36.77 20.57 14.02
CA LEU B 309 36.39 21.33 15.20
C LEU B 309 36.49 22.84 14.93
N GLY B 328 43.83 27.13 23.60
CA GLY B 328 42.43 26.80 23.34
C GLY B 328 41.91 25.71 24.26
N GLU B 329 40.84 25.04 23.86
CA GLU B 329 40.26 23.95 24.69
C GLU B 329 41.14 22.70 24.57
N GLY B 330 41.83 22.52 23.45
CA GLY B 330 42.73 21.37 23.23
C GLY B 330 43.68 21.15 24.39
N TYR B 331 44.62 22.09 24.58
CA TYR B 331 45.68 22.17 25.63
C TYR B 331 46.62 23.30 25.23
N LEU B 332 47.92 23.10 25.44
CA LEU B 332 49.00 24.02 25.00
C LEU B 332 49.94 23.19 24.12
N GLU B 333 50.07 23.57 22.84
CA GLU B 333 50.93 22.85 21.86
C GLU B 333 50.43 21.40 21.76
N ARG B 334 49.12 21.23 21.82
CA ARG B 334 48.50 19.88 21.72
C ARG B 334 48.70 19.36 20.30
N VAL B 335 49.01 20.25 19.37
CA VAL B 335 49.15 19.82 17.96
C VAL B 335 50.54 19.29 17.64
N LYS B 336 51.34 19.02 18.67
CA LYS B 336 52.64 18.30 18.58
C LYS B 336 52.18 16.85 18.46
N GLU B 337 51.77 16.43 17.26
CA GLU B 337 50.86 15.27 17.11
C GLU B 337 51.15 14.56 15.78
N ARG B 338 50.69 13.30 15.70
CA ARG B 338 50.72 12.40 14.52
C ARG B 338 49.35 12.60 13.88
N GLY B 339 48.45 13.24 14.64
CA GLY B 339 47.08 13.54 14.19
C GLY B 339 46.91 14.93 13.59
N VAL B 340 45.65 15.24 13.20
CA VAL B 340 45.33 16.43 12.42
C VAL B 340 43.99 16.98 12.88
N VAL B 341 43.89 18.32 12.88
CA VAL B 341 42.68 19.01 13.31
C VAL B 341 42.42 20.10 12.31
N ILE B 342 41.14 20.34 12.05
CA ILE B 342 40.69 21.13 10.91
C ILE B 342 39.56 21.96 11.42
N ASN B 343 39.62 23.28 11.16
CA ASN B 343 38.53 24.22 11.53
C ASN B 343 37.52 24.30 10.38
N GLY B 344 38.03 24.53 9.17
CA GLY B 344 37.17 24.79 7.99
C GLY B 344 36.25 23.67 7.59
N TRP B 345 35.03 24.00 7.16
CA TRP B 345 34.05 23.01 6.66
C TRP B 345 34.69 22.15 5.56
N VAL B 346 34.47 20.84 5.59
CA VAL B 346 35.03 20.01 4.52
C VAL B 346 34.03 18.91 4.19
N ASP B 347 34.08 18.42 2.94
CA ASP B 347 33.18 17.34 2.55
C ASP B 347 33.62 16.07 3.28
N GLN B 348 32.76 15.63 4.21
CA GLN B 348 32.98 14.38 4.94
C GLN B 348 33.14 13.22 3.98
N MET B 349 32.49 13.28 2.82
CA MET B 349 32.43 12.13 1.95
C MET B 349 33.78 11.79 1.36
N THR B 350 34.57 12.79 0.96
CA THR B 350 35.84 12.47 0.31
C THR B 350 36.74 11.70 1.26
N ILE B 351 36.85 12.16 2.50
CA ILE B 351 37.69 11.47 3.49
C ILE B 351 37.08 10.13 3.88
N LEU B 352 35.76 10.07 4.13
CA LEU B 352 35.14 8.82 4.55
C LEU B 352 35.43 7.68 3.56
N SER B 353 35.26 7.95 2.25
CA SER B 353 35.59 6.99 1.21
C SER B 353 37.08 6.72 1.08
N HIS B 354 37.93 7.46 1.79
CA HIS B 354 39.38 7.35 1.61
C HIS B 354 39.92 6.07 2.26
N ARG B 355 40.83 5.39 1.55
CA ARG B 355 41.42 4.15 2.03
C ARG B 355 41.98 4.30 3.44
N ALA B 356 42.61 5.42 3.74
CA ALA B 356 43.33 5.54 5.01
C ALA B 356 42.40 5.38 6.20
N VAL B 357 41.17 5.87 6.10
CA VAL B 357 40.33 5.96 7.28
C VAL B 357 39.61 4.64 7.51
N GLY B 358 39.56 4.22 8.75
CA GLY B 358 38.89 3.00 9.12
C GLY B 358 37.78 3.24 10.13
N GLY B 359 37.54 4.48 10.55
CA GLY B 359 36.54 4.71 11.57
C GLY B 359 35.98 6.11 11.53
N PHE B 360 34.69 6.23 11.86
CA PHE B 360 33.97 7.50 11.90
C PHE B 360 33.46 7.75 13.31
N PHE B 361 34.02 8.76 13.97
CA PHE B 361 33.59 9.20 15.29
C PHE B 361 32.75 10.46 15.12
N SER B 362 31.48 10.40 15.51
CA SER B 362 30.60 11.52 15.25
C SER B 362 29.38 11.45 16.16
N HIS B 363 28.57 12.52 16.11
CA HIS B 363 27.26 12.57 16.81
C HIS B 363 26.29 11.66 16.08
N SER B 364 25.17 11.32 16.72
CA SER B 364 24.18 10.49 15.99
C SER B 364 23.36 11.37 15.04
N GLY B 365 22.47 10.78 14.29
CA GLY B 365 21.80 11.56 13.28
C GLY B 365 21.52 10.74 12.03
N SER B 366 20.32 10.95 11.47
CA SER B 366 19.98 10.29 10.22
C SER B 366 21.04 10.59 9.17
N SER B 367 21.56 11.83 9.18
CA SER B 367 22.57 12.22 8.20
C SER B 367 23.89 11.45 8.38
N SER B 368 24.34 11.29 9.62
CA SER B 368 25.68 10.73 9.82
C SER B 368 25.70 9.25 9.50
N VAL B 369 24.62 8.54 9.81
CA VAL B 369 24.57 7.14 9.45
C VAL B 369 24.63 6.96 7.94
N ALA B 370 23.85 7.75 7.20
CA ALA B 370 23.79 7.57 5.75
C ALA B 370 25.15 7.75 5.11
N GLU B 371 25.90 8.77 5.51
CA GLU B 371 27.20 8.97 4.89
C GLU B 371 28.19 7.88 5.29
N ALA B 372 28.13 7.42 6.55
CA ALA B 372 28.98 6.31 6.96
C ALA B 372 28.65 5.06 6.16
N ALA B 373 27.37 4.88 5.82
CA ALA B 373 26.98 3.72 5.03
C ALA B 373 27.51 3.83 3.60
N ILE B 374 27.39 5.01 2.99
CA ILE B 374 27.99 5.18 1.67
C ILE B 374 29.50 5.05 1.76
N GLY B 375 30.09 5.57 2.85
CA GLY B 375 31.53 5.51 3.00
C GLY B 375 32.07 4.14 3.40
N GLY B 376 31.18 3.22 3.77
CA GLY B 376 31.65 1.94 4.31
C GLY B 376 32.45 2.12 5.59
N GLN B 377 32.07 3.12 6.44
CA GLN B 377 32.82 3.32 7.65
C GLN B 377 32.05 2.88 8.89
N PRO B 378 32.70 2.23 9.83
CA PRO B 378 32.04 1.94 11.10
C PRO B 378 31.90 3.21 11.91
N LEU B 379 30.92 3.21 12.81
CA LEU B 379 30.47 4.41 13.52
C LEU B 379 30.61 4.27 15.02
N LEU B 380 31.38 5.16 15.62
CA LEU B 380 31.40 5.36 17.06
C LEU B 380 30.51 6.57 17.35
N LEU B 381 29.46 6.37 18.13
CA LEU B 381 28.35 7.31 18.23
C LEU B 381 28.30 7.99 19.59
N TRP B 382 28.33 9.32 19.58
CA TRP B 382 28.03 10.18 20.72
C TRP B 382 26.81 11.01 20.40
N PRO B 383 25.61 10.64 20.86
CA PRO B 383 24.40 11.39 20.50
C PRO B 383 24.17 12.71 21.25
N MET B 384 23.93 13.77 20.46
CA MET B 384 23.80 15.14 20.97
C MET B 384 22.45 15.37 21.68
N GLY B 385 21.37 14.81 21.16
CA GLY B 385 20.06 15.17 21.67
C GLY B 385 18.97 14.97 20.64
N GLY B 386 17.74 14.96 21.15
CA GLY B 386 16.58 14.87 20.29
C GLY B 386 16.48 13.51 19.63
N ASP B 387 16.46 13.53 18.29
CA ASP B 387 16.30 12.31 17.53
C ASP B 387 17.55 11.43 17.51
N GLN B 388 18.69 11.91 18.04
CA GLN B 388 19.98 11.28 17.71
C GLN B 388 20.15 9.96 18.41
N ARG B 389 19.62 9.83 19.63
CA ARG B 389 19.52 8.52 20.25
C ARG B 389 18.85 7.53 19.29
N MET B 390 17.77 7.95 18.62
CA MET B 390 17.05 7.05 17.73
C MET B 390 17.87 6.71 16.51
N SER B 391 18.66 7.67 16.02
CA SER B 391 19.52 7.41 14.85
C SER B 391 20.65 6.45 15.21
N ALA B 392 21.10 6.47 16.47
CA ALA B 392 22.08 5.50 16.92
C ALA B 392 21.53 4.09 16.78
N LEU B 393 20.23 3.90 17.05
CA LEU B 393 19.65 2.59 16.91
C LEU B 393 19.76 2.10 15.46
N VAL B 394 19.66 3.01 14.50
CA VAL B 394 19.76 2.62 13.09
C VAL B 394 21.12 1.99 12.81
N ALA B 395 22.19 2.62 13.29
CA ALA B 395 23.53 2.07 13.15
C ALA B 395 23.67 0.73 13.90
N GLU B 396 23.24 0.70 15.17
CA GLU B 396 23.47 -0.48 16.00
C GLU B 396 22.72 -1.70 15.48
N ARG B 397 21.52 -1.50 14.93
CA ARG B 397 20.77 -2.66 14.43
C ARG B 397 21.46 -3.30 13.24
N ARG B 398 22.02 -2.47 12.34
CA ARG B 398 22.74 -3.03 11.20
C ARG B 398 23.97 -3.80 11.64
N GLY B 399 24.50 -3.46 12.81
CA GLY B 399 25.82 -3.92 13.22
C GLY B 399 27.00 -3.08 12.77
N MET B 400 26.81 -1.79 12.45
CA MET B 400 27.89 -0.96 11.94
C MET B 400 28.25 0.22 12.83
N GLY B 401 27.61 0.32 13.98
CA GLY B 401 27.84 1.43 14.88
C GLY B 401 27.71 0.97 16.31
N VAL B 402 28.43 1.64 17.19
CA VAL B 402 28.29 1.43 18.63
C VAL B 402 28.02 2.76 19.30
N TRP B 403 27.02 2.79 20.17
CA TRP B 403 26.78 3.91 21.05
C TRP B 403 26.95 3.40 22.47
N PRO B 404 28.03 3.78 23.18
CA PRO B 404 28.16 3.37 24.58
C PRO B 404 27.13 4.09 25.44
N ARG B 405 26.36 3.32 26.23
CA ARG B 405 25.13 3.84 26.84
C ARG B 405 25.40 5.04 27.74
N GLY B 406 26.55 5.04 28.42
CA GLY B 406 26.89 6.16 29.29
C GLY B 406 27.12 7.45 28.55
N TRP B 407 27.40 7.36 27.25
CA TRP B 407 27.68 8.52 26.41
C TRP B 407 26.36 9.24 26.15
N GLY B 408 25.81 9.80 27.24
CA GLY B 408 24.58 10.53 27.14
C GLY B 408 24.76 11.89 26.51
N TRP B 409 23.61 12.50 26.23
CA TRP B 409 23.62 13.89 25.69
C TRP B 409 23.88 14.87 26.83
N SER B 410 24.04 16.15 26.51
CA SER B 410 24.39 17.13 27.58
C SER B 410 23.16 17.52 28.40
N ALA B 411 22.75 16.61 29.29
CA ALA B 411 21.64 16.72 30.26
C ALA B 411 22.16 16.05 31.53
N ASP B 412 22.32 16.83 32.62
CA ASP B 412 22.86 16.45 33.96
C ASP B 412 24.39 16.51 33.97
N ASP B 413 24.99 16.79 32.81
CA ASP B 413 26.45 16.97 32.62
C ASP B 413 27.27 15.88 33.33
N LYS B 414 26.90 14.60 33.17
CA LYS B 414 27.77 13.55 33.68
C LYS B 414 28.99 13.46 32.76
N LEU B 415 30.13 13.90 33.25
CA LEU B 415 31.33 14.03 32.43
C LEU B 415 31.85 12.67 32.02
N ILE B 416 32.23 12.53 30.76
CA ILE B 416 32.84 11.29 30.27
C ILE B 416 34.34 11.54 30.20
N PRO B 417 35.15 10.83 31.00
CA PRO B 417 36.58 11.14 31.09
C PRO B 417 37.38 10.60 29.91
N GLY B 418 38.54 11.24 29.68
CA GLY B 418 39.38 10.89 28.53
C GLY B 418 39.89 9.46 28.53
N GLU B 419 40.23 8.92 29.71
CA GLU B 419 40.65 7.52 29.84
C GLU B 419 39.58 6.58 29.28
N GLU B 420 38.33 6.81 29.65
CA GLU B 420 37.25 5.99 29.13
C GLU B 420 37.14 6.15 27.63
N ILE B 421 37.25 7.40 27.16
CA ILE B 421 37.22 7.64 25.73
C ILE B 421 38.37 6.94 25.02
N ALA B 422 39.58 6.99 25.59
CA ALA B 422 40.72 6.37 24.91
C ALA B 422 40.53 4.86 24.77
N ARG B 423 40.14 4.18 25.86
CA ARG B 423 39.84 2.75 25.76
C ARG B 423 38.75 2.47 24.74
N ARG B 424 37.72 3.31 24.70
CA ARG B 424 36.63 3.05 23.77
C ARG B 424 37.11 3.21 22.33
N ILE B 425 37.90 4.24 22.04
CA ILE B 425 38.44 4.39 20.71
C ILE B 425 39.27 3.17 20.30
N LYS B 426 40.24 2.76 21.14
CA LYS B 426 41.03 1.56 20.82
C LYS B 426 40.13 0.38 20.52
N ASP B 427 39.14 0.15 21.39
CA ASP B 427 38.23 -0.97 21.22
C ASP B 427 37.42 -0.84 19.94
N PHE B 428 36.92 0.37 19.65
CA PHE B 428 36.15 0.59 18.43
C PHE B 428 36.99 0.37 17.19
N MET B 429 38.20 0.93 17.21
CA MET B 429 39.12 0.85 16.04
C MET B 429 39.65 -0.56 15.85
N GLY B 430 39.40 -1.49 16.75
CA GLY B 430 39.68 -2.90 16.62
C GLY B 430 38.50 -3.78 16.30
N ASP B 431 37.30 -3.23 16.29
CA ASP B 431 36.11 -4.09 16.22
C ASP B 431 35.77 -4.39 14.76
N ASN B 432 36.32 -5.47 14.24
CA ASN B 432 36.09 -5.78 12.84
C ASN B 432 34.71 -6.40 12.59
N ALA B 433 33.97 -6.77 13.64
CA ALA B 433 32.54 -7.04 13.43
C ALA B 433 31.84 -5.81 12.84
N LEU B 434 32.02 -4.65 13.47
CA LEU B 434 31.42 -3.43 12.95
C LEU B 434 31.99 -3.06 11.58
N ARG B 435 33.32 -3.12 11.46
CA ARG B 435 34.00 -2.74 10.20
C ARG B 435 33.53 -3.60 9.02
N ALA B 436 33.26 -4.89 9.23
CA ALA B 436 32.84 -5.74 8.13
C ALA B 436 31.44 -5.38 7.63
N VAL B 437 30.47 -5.20 8.53
CA VAL B 437 29.13 -4.87 8.04
C VAL B 437 29.13 -3.48 7.39
N ALA B 438 29.91 -2.53 7.91
CA ALA B 438 30.02 -1.25 7.24
C ALA B 438 30.56 -1.41 5.82
N ALA B 439 31.57 -2.27 5.64
CA ALA B 439 32.11 -2.52 4.31
C ALA B 439 31.07 -3.15 3.40
N LYS B 440 30.25 -4.06 3.94
CA LYS B 440 29.17 -4.59 3.13
C LYS B 440 28.13 -3.52 2.84
N MET B 441 27.93 -2.62 3.79
CA MET B 441 26.96 -1.55 3.57
C MET B 441 27.37 -0.70 2.38
N LYS B 442 28.65 -0.38 2.27
CA LYS B 442 29.13 0.38 1.13
C LYS B 442 28.83 -0.34 -0.17
N LYS B 443 29.06 -1.66 -0.22
CA LYS B 443 28.84 -2.40 -1.45
C LYS B 443 27.35 -2.44 -1.78
N GLU B 444 26.52 -2.78 -0.79
CA GLU B 444 25.08 -2.80 -1.01
C GLU B 444 24.55 -1.42 -1.38
N THR B 445 25.04 -0.36 -0.72
CA THR B 445 24.56 0.98 -1.04
C THR B 445 25.03 1.41 -2.42
N ALA B 446 26.26 1.07 -2.80
CA ALA B 446 26.72 1.41 -4.14
C ALA B 446 25.83 0.74 -5.19
N SER B 447 25.48 -0.53 -4.97
CA SER B 447 24.57 -1.21 -5.89
C SER B 447 23.20 -0.54 -5.92
N ALA B 448 22.77 0.05 -4.80
CA ALA B 448 21.46 0.70 -4.79
C ALA B 448 21.49 2.00 -5.60
N MET B 449 22.61 2.72 -5.56
CA MET B 449 22.71 3.99 -6.29
C MET B 449 23.10 3.79 -7.74
N ALA B 450 23.32 2.56 -8.17
CA ALA B 450 23.75 2.34 -9.53
C ALA B 450 22.54 2.38 -10.46
N PRO B 451 22.78 2.67 -11.74
CA PRO B 451 21.67 2.61 -12.72
C PRO B 451 21.04 1.24 -12.70
N GLY B 452 19.71 1.22 -12.73
CA GLY B 452 18.95 0.01 -12.50
C GLY B 452 18.94 -0.47 -11.06
N GLY B 453 19.62 0.23 -10.17
CA GLY B 453 19.68 -0.17 -8.78
C GLY B 453 18.40 0.14 -8.03
N SER B 454 18.41 -0.18 -6.74
CA SER B 454 17.19 -0.09 -5.97
C SER B 454 16.60 1.31 -6.01
N LYS B 455 17.45 2.33 -5.85
CA LYS B 455 16.91 3.68 -5.80
C LYS B 455 16.19 4.05 -7.10
N ASP B 456 16.78 3.73 -8.25
CA ASP B 456 16.13 4.01 -9.54
C ASP B 456 14.77 3.31 -9.61
N GLN B 457 14.71 2.07 -9.13
CA GLN B 457 13.47 1.30 -9.21
C GLN B 457 12.35 1.97 -8.41
N TRP B 458 12.69 2.51 -7.25
CA TRP B 458 11.68 3.18 -6.43
C TRP B 458 11.25 4.50 -7.06
N PHE B 459 12.16 5.24 -7.68
CA PHE B 459 11.74 6.46 -8.37
C PHE B 459 10.94 6.12 -9.61
N ASP B 460 11.35 5.08 -10.34
CA ASP B 460 10.55 4.64 -11.48
C ASP B 460 9.18 4.19 -11.03
N ASP B 461 9.11 3.50 -9.87
CA ASP B 461 7.81 3.08 -9.37
C ASP B 461 6.91 4.28 -9.07
N PHE B 462 7.46 5.32 -8.41
CA PHE B 462 6.66 6.48 -8.03
C PHE B 462 6.17 7.24 -9.26
N ILE B 463 7.07 7.49 -10.21
CA ILE B 463 6.69 8.20 -11.44
C ILE B 463 5.61 7.44 -12.19
N ALA B 464 5.76 6.12 -12.33
CA ALA B 464 4.76 5.33 -13.05
C ALA B 464 3.42 5.37 -12.35
N ARG B 465 3.44 5.32 -11.03
CA ARG B 465 2.16 5.22 -10.27
C ARG B 465 1.36 6.52 -10.28
N ILE B 466 2.00 7.66 -10.51
CA ILE B 466 1.26 8.92 -10.60
C ILE B 466 1.06 9.39 -12.04
N ASN B 467 1.72 8.74 -13.00
CA ASN B 467 1.58 9.10 -14.41
C ASN B 467 0.21 8.67 -14.90
N ARG B 468 -0.41 9.53 -15.68
CA ARG B 468 -1.70 9.24 -16.26
C ARG B 468 -1.50 8.82 -17.72
N VAL B 469 -2.37 7.93 -18.18
CA VAL B 469 -2.34 7.47 -19.56
C VAL B 469 -2.73 8.62 -20.49
P PO4 C . 2.70 -0.41 -2.37
O1 PO4 C . 2.75 -1.78 -3.01
O2 PO4 C . 2.84 -0.53 -0.88
O3 PO4 C . 1.39 0.26 -2.75
O4 PO4 C . 3.84 0.47 -2.83
P PO4 D . -33.72 -8.79 1.48
O1 PO4 D . -34.74 -9.91 1.52
O2 PO4 D . -32.69 -9.09 2.55
O3 PO4 D . -34.37 -7.45 1.71
O4 PO4 D . -32.99 -8.76 0.15
#